data_2KP0
#
_entry.id   2KP0
#
_entity_poly.entity_id   1
_entity_poly.type   'polypeptide(L)'
_entity_poly.pdbx_seq_one_letter_code
;ACNDRDCSLDCIMKGYNFGKCVRGSCQCRRTSG
;
_entity_poly.pdbx_strand_id   A
#
# COMPACT_ATOMS: atom_id res chain seq x y z
N ALA A 1 0.20 -12.38 -6.38
CA ALA A 1 1.31 -11.44 -6.74
C ALA A 1 0.98 -10.02 -6.29
N CYS A 2 1.19 -9.72 -5.03
CA CYS A 2 0.88 -8.35 -4.54
C CYS A 2 2.01 -7.38 -4.92
N ASN A 3 3.18 -7.89 -5.20
CA ASN A 3 4.32 -7.00 -5.59
C ASN A 3 4.42 -5.84 -4.60
N ASP A 4 5.10 -6.06 -3.49
CA ASP A 4 5.25 -4.98 -2.48
C ASP A 4 5.77 -3.69 -3.13
N ARG A 5 6.47 -3.81 -4.22
CA ARG A 5 7.02 -2.59 -4.89
C ARG A 5 5.93 -1.90 -5.72
N ASP A 6 5.18 -2.65 -6.47
CA ASP A 6 4.10 -2.04 -7.30
C ASP A 6 2.87 -1.74 -6.43
N CYS A 7 2.77 -2.35 -5.29
CA CYS A 7 1.61 -2.11 -4.40
C CYS A 7 1.84 -0.85 -3.56
N SER A 8 3.02 -0.70 -3.03
CA SER A 8 3.32 0.50 -2.20
C SER A 8 3.44 1.74 -3.08
N LEU A 9 4.04 1.62 -4.23
CA LEU A 9 4.19 2.79 -5.13
C LEU A 9 2.81 3.30 -5.57
N ASP A 10 1.99 2.43 -6.08
CA ASP A 10 0.63 2.86 -6.53
C ASP A 10 -0.18 3.40 -5.35
N CYS A 11 -0.02 2.82 -4.19
CA CYS A 11 -0.79 3.31 -3.00
C CYS A 11 -0.22 4.65 -2.52
N ILE A 12 1.07 4.77 -2.44
CA ILE A 12 1.66 6.06 -1.98
C ILE A 12 1.32 7.18 -2.96
N MET A 13 1.01 6.84 -4.18
CA MET A 13 0.65 7.89 -5.17
C MET A 13 -0.81 8.30 -4.98
N LYS A 14 -1.67 7.37 -4.70
CA LYS A 14 -3.11 7.71 -4.49
C LYS A 14 -3.24 8.80 -3.42
N GLY A 15 -2.33 8.84 -2.49
CA GLY A 15 -2.40 9.88 -1.43
C GLY A 15 -2.31 9.22 -0.05
N TYR A 16 -2.06 7.94 0.00
CA TYR A 16 -1.95 7.25 1.31
C TYR A 16 -0.57 7.48 1.92
N ASN A 17 -0.31 6.90 3.06
CA ASN A 17 1.03 7.08 3.70
C ASN A 17 1.84 5.79 3.61
N PHE A 18 1.27 4.69 4.01
CA PHE A 18 2.02 3.40 3.95
C PHE A 18 1.05 2.23 3.78
N GLY A 19 1.53 1.12 3.30
CA GLY A 19 0.64 -0.07 3.11
C GLY A 19 1.48 -1.35 3.19
N LYS A 20 0.94 -2.43 2.69
CA LYS A 20 1.71 -3.72 2.74
C LYS A 20 0.86 -4.86 2.18
N CYS A 21 1.49 -5.94 1.79
CA CYS A 21 0.71 -7.09 1.25
C CYS A 21 0.16 -7.95 2.39
N VAL A 22 -1.06 -8.38 2.27
CA VAL A 22 -1.65 -9.23 3.35
C VAL A 22 -2.32 -10.47 2.75
N ARG A 23 -2.04 -11.62 3.28
CA ARG A 23 -2.66 -12.86 2.74
C ARG A 23 -2.66 -12.84 1.21
N GLY A 24 -1.58 -12.38 0.62
CA GLY A 24 -1.51 -12.33 -0.87
C GLY A 24 -2.42 -11.21 -1.40
N SER A 25 -2.65 -10.20 -0.60
CA SER A 25 -3.52 -9.07 -1.05
C SER A 25 -2.73 -7.75 -1.02
N CYS A 26 -3.40 -6.66 -1.26
CA CYS A 26 -2.69 -5.35 -1.25
C CYS A 26 -3.50 -4.31 -0.47
N GLN A 27 -3.13 -4.05 0.75
CA GLN A 27 -3.88 -3.05 1.56
C GLN A 27 -2.96 -1.88 1.95
N CYS A 28 -3.52 -0.73 2.19
CA CYS A 28 -2.67 0.44 2.57
C CYS A 28 -3.35 1.24 3.68
N ARG A 29 -2.65 2.15 4.29
CA ARG A 29 -3.26 2.96 5.38
C ARG A 29 -3.06 4.45 5.13
N ARG A 30 -3.91 5.28 5.67
CA ARG A 30 -3.76 6.75 5.46
C ARG A 30 -3.59 7.46 6.81
N THR A 31 -2.67 8.37 6.89
CA THR A 31 -2.46 9.10 8.18
C THR A 31 -2.89 10.56 8.04
N SER A 32 -3.04 11.25 9.13
CA SER A 32 -3.46 12.68 9.08
C SER A 32 -2.88 13.46 10.25
N GLY A 33 -3.32 14.67 10.44
CA GLY A 33 -2.78 15.48 11.57
C GLY A 33 -3.14 16.95 11.37
N ALA A 1 1.72 -13.24 -4.58
CA ALA A 1 2.01 -12.63 -5.91
C ALA A 1 2.03 -11.10 -5.81
N CYS A 2 1.72 -10.57 -4.66
CA CYS A 2 1.74 -9.09 -4.49
C CYS A 2 3.11 -8.63 -4.02
N ASN A 3 3.61 -7.55 -4.56
CA ASN A 3 4.95 -7.05 -4.14
C ASN A 3 4.82 -5.71 -3.43
N ASP A 4 5.67 -5.45 -2.45
CA ASP A 4 5.60 -4.15 -1.73
C ASP A 4 5.93 -3.00 -2.68
N ARG A 5 6.67 -3.28 -3.72
CA ARG A 5 7.03 -2.20 -4.69
C ARG A 5 5.79 -1.76 -5.49
N ASP A 6 5.13 -2.70 -6.11
CA ASP A 6 3.92 -2.34 -6.91
C ASP A 6 2.73 -2.14 -5.97
N CYS A 7 2.92 -2.39 -4.71
CA CYS A 7 1.81 -2.21 -3.74
C CYS A 7 1.91 -0.81 -3.09
N SER A 8 3.07 -0.47 -2.59
CA SER A 8 3.24 0.86 -1.97
C SER A 8 3.10 1.96 -3.01
N LEU A 9 3.63 1.74 -4.19
CA LEU A 9 3.52 2.77 -5.27
C LEU A 9 2.05 3.14 -5.48
N ASP A 10 1.17 2.18 -5.43
CA ASP A 10 -0.27 2.49 -5.64
C ASP A 10 -0.84 3.22 -4.41
N CYS A 11 -0.37 2.89 -3.24
CA CYS A 11 -0.87 3.57 -2.02
C CYS A 11 -0.45 5.04 -2.03
N ILE A 12 0.77 5.32 -2.41
CA ILE A 12 1.24 6.73 -2.44
C ILE A 12 0.49 7.51 -3.53
N MET A 13 0.19 6.87 -4.62
CA MET A 13 -0.53 7.58 -5.72
C MET A 13 -1.92 8.01 -5.25
N LYS A 14 -2.63 7.12 -4.60
CA LYS A 14 -4.00 7.49 -4.11
C LYS A 14 -3.92 8.67 -3.15
N GLY A 15 -2.78 8.91 -2.58
CA GLY A 15 -2.64 10.06 -1.63
C GLY A 15 -2.32 9.53 -0.23
N TYR A 16 -2.07 8.25 -0.11
CA TYR A 16 -1.77 7.68 1.23
C TYR A 16 -0.25 7.71 1.49
N ASN A 17 0.22 6.90 2.39
CA ASN A 17 1.69 6.87 2.68
C ASN A 17 2.28 5.51 2.33
N PHE A 18 1.96 4.51 3.11
CA PHE A 18 2.51 3.14 2.83
C PHE A 18 1.38 2.12 2.79
N GLY A 19 1.71 0.88 2.60
CA GLY A 19 0.66 -0.18 2.54
C GLY A 19 1.25 -1.51 3.01
N LYS A 20 0.58 -2.60 2.76
CA LYS A 20 1.10 -3.93 3.20
C LYS A 20 0.42 -5.05 2.43
N CYS A 21 1.13 -6.12 2.17
CA CYS A 21 0.51 -7.26 1.43
C CYS A 21 -0.31 -8.15 2.38
N VAL A 22 -1.45 -8.59 1.95
CA VAL A 22 -2.30 -9.46 2.82
C VAL A 22 -3.15 -10.40 1.98
N ARG A 23 -2.88 -11.68 2.03
CA ARG A 23 -3.69 -12.64 1.23
C ARG A 23 -3.55 -12.34 -0.27
N GLY A 24 -2.42 -12.64 -0.84
CA GLY A 24 -2.22 -12.37 -2.30
C GLY A 24 -2.79 -10.99 -2.65
N SER A 25 -2.81 -10.09 -1.70
CA SER A 25 -3.35 -8.74 -1.98
C SER A 25 -2.51 -7.68 -1.28
N CYS A 26 -3.03 -6.49 -1.14
CA CYS A 26 -2.25 -5.41 -0.46
C CYS A 26 -3.17 -4.22 -0.14
N GLN A 27 -2.97 -3.59 0.98
CA GLN A 27 -3.82 -2.43 1.34
C GLN A 27 -2.97 -1.17 1.51
N CYS A 28 -3.59 -0.05 1.75
CA CYS A 28 -2.82 1.21 1.93
C CYS A 28 -3.09 1.80 3.32
N ARG A 29 -2.08 2.24 4.00
CA ARG A 29 -2.28 2.81 5.36
C ARG A 29 -1.79 4.26 5.41
N ARG A 30 -2.38 5.08 6.23
CA ARG A 30 -1.93 6.50 6.32
C ARG A 30 -1.30 6.76 7.69
N THR A 31 -0.48 7.78 7.78
CA THR A 31 0.17 8.08 9.09
C THR A 31 -0.78 8.90 9.98
N SER A 32 -0.24 9.75 10.81
CA SER A 32 -1.11 10.57 11.70
C SER A 32 -0.54 11.99 11.83
N GLY A 33 -1.28 12.97 11.40
CA GLY A 33 -0.79 14.37 11.49
C GLY A 33 -0.90 15.05 10.13
N ALA A 1 -0.47 -13.00 -5.27
CA ALA A 1 0.97 -12.61 -5.38
C ALA A 1 1.10 -11.08 -5.29
N CYS A 2 1.16 -10.56 -4.10
CA CYS A 2 1.30 -9.08 -3.94
C CYS A 2 2.77 -8.70 -3.71
N ASN A 3 3.20 -7.61 -4.27
CA ASN A 3 4.62 -7.19 -4.09
C ASN A 3 4.68 -5.85 -3.35
N ASP A 4 5.62 -5.69 -2.45
CA ASP A 4 5.72 -4.39 -1.71
C ASP A 4 6.03 -3.25 -2.68
N ARG A 5 6.41 -3.58 -3.89
CA ARG A 5 6.74 -2.51 -4.88
C ARG A 5 5.45 -1.96 -5.50
N ASP A 6 4.52 -2.83 -5.79
CA ASP A 6 3.24 -2.36 -6.41
C ASP A 6 2.31 -1.78 -5.34
N CYS A 7 2.42 -2.27 -4.14
CA CYS A 7 1.55 -1.75 -3.04
C CYS A 7 2.06 -0.38 -2.57
N SER A 8 3.34 -0.26 -2.33
CA SER A 8 3.89 1.05 -1.89
C SER A 8 3.74 2.10 -3.00
N LEU A 9 3.97 1.71 -4.22
CA LEU A 9 3.84 2.67 -5.35
C LEU A 9 2.36 2.97 -5.62
N ASP A 10 1.51 1.98 -5.49
CA ASP A 10 0.07 2.19 -5.74
C ASP A 10 -0.58 2.92 -4.56
N CYS A 11 -0.23 2.55 -3.36
CA CYS A 11 -0.81 3.23 -2.17
C CYS A 11 -0.32 4.67 -2.09
N ILE A 12 0.94 4.91 -2.38
CA ILE A 12 1.48 6.29 -2.32
C ILE A 12 0.83 7.15 -3.40
N MET A 13 0.64 6.61 -4.58
CA MET A 13 0.01 7.40 -5.67
C MET A 13 -1.45 7.69 -5.35
N LYS A 14 -2.12 6.78 -4.69
CA LYS A 14 -3.55 7.00 -4.35
C LYS A 14 -3.69 8.18 -3.39
N GLY A 15 -2.63 8.55 -2.73
CA GLY A 15 -2.69 9.69 -1.77
C GLY A 15 -2.56 9.17 -0.34
N TYR A 16 -2.10 7.97 -0.18
CA TYR A 16 -1.95 7.40 1.20
C TYR A 16 -0.51 7.56 1.69
N ASN A 17 -0.12 6.80 2.67
CA ASN A 17 1.27 6.92 3.19
C ASN A 17 2.01 5.58 3.04
N PHE A 18 1.56 4.56 3.72
CA PHE A 18 2.23 3.24 3.62
C PHE A 18 1.19 2.11 3.68
N GLY A 19 1.42 1.04 2.97
CA GLY A 19 0.44 -0.09 2.99
C GLY A 19 1.20 -1.41 3.17
N LYS A 20 0.67 -2.48 2.65
CA LYS A 20 1.35 -3.80 2.79
C LYS A 20 0.67 -4.84 1.91
N CYS A 21 1.24 -6.02 1.83
CA CYS A 21 0.63 -7.09 0.98
C CYS A 21 -0.07 -8.12 1.87
N VAL A 22 -1.33 -8.38 1.62
CA VAL A 22 -2.06 -9.39 2.45
C VAL A 22 -1.85 -10.79 1.88
N ARG A 23 -0.64 -11.10 1.49
CA ARG A 23 -0.37 -12.45 0.94
C ARG A 23 -1.31 -12.75 -0.23
N GLY A 24 -1.68 -11.75 -0.99
CA GLY A 24 -2.59 -11.99 -2.14
C GLY A 24 -3.29 -10.68 -2.53
N SER A 25 -3.34 -9.73 -1.65
CA SER A 25 -4.01 -8.44 -1.99
C SER A 25 -3.09 -7.25 -1.73
N CYS A 26 -3.58 -6.06 -1.92
CA CYS A 26 -2.74 -4.85 -1.69
C CYS A 26 -3.54 -3.80 -0.89
N GLN A 27 -3.05 -3.43 0.26
CA GLN A 27 -3.79 -2.43 1.08
C GLN A 27 -2.92 -1.19 1.29
N CYS A 28 -3.52 -0.12 1.77
CA CYS A 28 -2.73 1.13 2.01
C CYS A 28 -3.12 1.74 3.36
N ARG A 29 -2.22 2.45 3.99
CA ARG A 29 -2.55 3.06 5.30
C ARG A 29 -2.12 4.53 5.32
N ARG A 30 -2.79 5.34 6.11
CA ARG A 30 -2.42 6.79 6.17
C ARG A 30 -1.70 7.09 7.49
N THR A 31 -1.56 8.33 7.84
CA THR A 31 -0.86 8.68 9.10
C THR A 31 -1.88 8.94 10.21
N SER A 32 -1.43 9.39 11.35
CA SER A 32 -2.38 9.66 12.47
C SER A 32 -2.75 11.15 12.51
N GLY A 33 -4.01 11.46 12.39
CA GLY A 33 -4.43 12.89 12.42
C GLY A 33 -4.45 13.40 13.86
N ALA A 1 0.14 -13.33 -5.70
CA ALA A 1 1.39 -12.80 -5.09
C ALA A 1 1.46 -11.28 -5.24
N CYS A 2 1.15 -10.56 -4.20
CA CYS A 2 1.17 -9.07 -4.26
C CYS A 2 2.62 -8.57 -4.28
N ASN A 3 2.86 -7.41 -4.82
CA ASN A 3 4.24 -6.87 -4.86
C ASN A 3 4.36 -5.64 -3.95
N ASP A 4 5.06 -5.75 -2.87
CA ASP A 4 5.21 -4.59 -1.94
C ASP A 4 5.66 -3.35 -2.71
N ARG A 5 6.49 -3.53 -3.71
CA ARG A 5 6.96 -2.35 -4.49
C ARG A 5 5.76 -1.66 -5.18
N ASP A 6 4.94 -2.41 -5.84
CA ASP A 6 3.76 -1.79 -6.53
C ASP A 6 2.66 -1.51 -5.51
N CYS A 7 2.83 -1.95 -4.29
CA CYS A 7 1.80 -1.71 -3.25
C CYS A 7 2.08 -0.39 -2.53
N SER A 8 3.32 -0.12 -2.26
CA SER A 8 3.67 1.16 -1.56
C SER A 8 3.63 2.32 -2.56
N LEU A 9 4.08 2.11 -3.76
CA LEU A 9 4.06 3.20 -4.77
C LEU A 9 2.64 3.45 -5.25
N ASP A 10 1.86 2.42 -5.41
CA ASP A 10 0.45 2.60 -5.86
C ASP A 10 -0.37 3.26 -4.76
N CYS A 11 -0.20 2.82 -3.54
CA CYS A 11 -0.97 3.43 -2.41
C CYS A 11 -0.55 4.89 -2.23
N ILE A 12 0.73 5.16 -2.34
CA ILE A 12 1.19 6.57 -2.18
C ILE A 12 0.61 7.44 -3.30
N MET A 13 0.40 6.86 -4.45
CA MET A 13 -0.19 7.65 -5.58
C MET A 13 -1.62 8.06 -5.22
N LYS A 14 -2.40 7.15 -4.70
CA LYS A 14 -3.80 7.50 -4.34
C LYS A 14 -3.81 8.67 -3.34
N GLY A 15 -2.69 8.92 -2.71
CA GLY A 15 -2.62 10.04 -1.73
C GLY A 15 -2.55 9.46 -0.32
N TYR A 16 -1.80 8.41 -0.14
CA TYR A 16 -1.70 7.79 1.22
C TYR A 16 -0.24 7.76 1.68
N ASN A 17 0.05 7.00 2.70
CA ASN A 17 1.45 6.92 3.20
C ASN A 17 2.14 5.67 2.64
N PHE A 18 1.55 4.53 2.81
CA PHE A 18 2.17 3.27 2.29
C PHE A 18 1.13 2.16 2.19
N GLY A 19 1.55 0.96 1.92
CA GLY A 19 0.57 -0.17 1.81
C GLY A 19 1.18 -1.42 2.44
N LYS A 20 0.45 -2.52 2.43
CA LYS A 20 0.99 -3.77 3.03
C LYS A 20 0.43 -4.99 2.29
N CYS A 21 1.17 -6.07 2.27
CA CYS A 21 0.69 -7.29 1.56
C CYS A 21 -0.10 -8.18 2.54
N VAL A 22 -1.25 -8.64 2.12
CA VAL A 22 -2.06 -9.51 3.02
C VAL A 22 -2.63 -10.69 2.24
N ARG A 23 -2.04 -11.84 2.37
CA ARG A 23 -2.55 -13.04 1.64
C ARG A 23 -2.74 -12.72 0.15
N GLY A 24 -1.68 -12.74 -0.61
CA GLY A 24 -1.79 -12.43 -2.07
C GLY A 24 -2.62 -11.16 -2.27
N SER A 25 -2.67 -10.31 -1.27
CA SER A 25 -3.46 -9.06 -1.40
C SER A 25 -2.60 -7.85 -1.05
N CYS A 26 -3.10 -6.66 -1.24
CA CYS A 26 -2.30 -5.45 -0.90
C CYS A 26 -3.23 -4.24 -0.68
N GLN A 27 -3.14 -3.62 0.46
CA GLN A 27 -4.00 -2.44 0.73
C GLN A 27 -3.15 -1.19 1.00
N CYS A 28 -3.77 -0.10 1.36
CA CYS A 28 -3.00 1.14 1.63
C CYS A 28 -3.23 1.60 3.08
N ARG A 29 -2.24 2.15 3.71
CA ARG A 29 -2.41 2.61 5.11
C ARG A 29 -1.99 4.09 5.24
N ARG A 30 -2.36 4.72 6.31
CA ARG A 30 -1.97 6.16 6.49
C ARG A 30 -0.97 6.30 7.66
N THR A 31 -0.90 7.46 8.23
CA THR A 31 0.05 7.67 9.37
C THR A 31 -0.72 7.95 10.66
N SER A 32 -0.03 8.25 11.72
CA SER A 32 -0.72 8.54 13.01
C SER A 32 -0.79 10.06 13.24
N GLY A 33 -1.36 10.46 14.34
CA GLY A 33 -1.46 11.93 14.62
C GLY A 33 -2.73 12.21 15.44
N ALA A 1 -0.17 -11.23 -8.96
CA ALA A 1 0.82 -11.36 -7.85
C ALA A 1 0.99 -10.02 -7.13
N CYS A 2 0.71 -9.98 -5.84
CA CYS A 2 0.87 -8.71 -5.09
C CYS A 2 2.29 -8.57 -4.55
N ASN A 3 2.99 -7.55 -4.94
CA ASN A 3 4.39 -7.37 -4.44
C ASN A 3 4.46 -6.18 -3.48
N ASP A 4 5.22 -6.31 -2.42
CA ASP A 4 5.32 -5.18 -1.45
C ASP A 4 5.67 -3.88 -2.18
N ARG A 5 6.58 -3.93 -3.10
CA ARG A 5 6.96 -2.70 -3.85
C ARG A 5 5.84 -2.31 -4.82
N ASP A 6 5.28 -3.26 -5.50
CA ASP A 6 4.18 -2.94 -6.47
C ASP A 6 2.86 -2.77 -5.72
N CYS A 7 2.89 -2.83 -4.42
CA CYS A 7 1.63 -2.67 -3.63
C CYS A 7 1.63 -1.30 -2.93
N SER A 8 2.78 -0.81 -2.55
CA SER A 8 2.83 0.50 -1.86
C SER A 8 3.06 1.63 -2.89
N LEU A 9 3.76 1.34 -3.95
CA LEU A 9 4.02 2.39 -4.97
C LEU A 9 2.70 2.96 -5.50
N ASP A 10 1.85 2.11 -6.03
CA ASP A 10 0.54 2.61 -6.56
C ASP A 10 -0.30 3.20 -5.43
N CYS A 11 -0.26 2.61 -4.27
CA CYS A 11 -1.06 3.15 -3.13
C CYS A 11 -0.51 4.52 -2.72
N ILE A 12 0.78 4.69 -2.74
CA ILE A 12 1.37 6.00 -2.36
C ILE A 12 0.91 7.08 -3.35
N MET A 13 0.76 6.71 -4.59
CA MET A 13 0.31 7.70 -5.61
C MET A 13 -1.14 8.12 -5.35
N LYS A 14 -1.96 7.20 -4.95
CA LYS A 14 -3.39 7.54 -4.67
C LYS A 14 -3.48 8.68 -3.65
N GLY A 15 -2.56 8.73 -2.72
CA GLY A 15 -2.59 9.83 -1.71
C GLY A 15 -2.44 9.24 -0.31
N TYR A 16 -2.26 7.95 -0.21
CA TYR A 16 -2.11 7.32 1.13
C TYR A 16 -0.68 7.51 1.65
N ASN A 17 -0.38 6.98 2.80
CA ASN A 17 1.00 7.13 3.35
C ASN A 17 1.80 5.84 3.18
N PHE A 18 1.39 4.79 3.85
CA PHE A 18 2.13 3.50 3.73
C PHE A 18 1.14 2.33 3.64
N GLY A 19 1.57 1.21 3.12
CA GLY A 19 0.65 0.04 3.02
C GLY A 19 1.46 -1.25 2.95
N LYS A 20 0.81 -2.38 3.01
CA LYS A 20 1.53 -3.67 2.95
C LYS A 20 0.72 -4.70 2.15
N CYS A 21 1.33 -5.79 1.78
CA CYS A 21 0.58 -6.84 1.01
C CYS A 21 0.12 -7.95 1.94
N VAL A 22 -1.15 -8.13 2.09
CA VAL A 22 -1.66 -9.20 3.00
C VAL A 22 -1.61 -10.56 2.28
N ARG A 23 -0.47 -11.19 2.28
CA ARG A 23 -0.36 -12.51 1.59
C ARG A 23 -0.66 -12.36 0.10
N GLY A 24 -1.91 -12.23 -0.25
CA GLY A 24 -2.28 -12.07 -1.68
C GLY A 24 -3.16 -10.83 -1.84
N SER A 25 -2.87 -9.78 -1.12
CA SER A 25 -3.70 -8.54 -1.22
C SER A 25 -2.82 -7.31 -1.02
N CYS A 26 -3.37 -6.13 -1.22
CA CYS A 26 -2.55 -4.90 -1.04
C CYS A 26 -3.35 -3.86 -0.25
N GLN A 27 -3.11 -3.76 1.03
CA GLN A 27 -3.84 -2.77 1.86
C GLN A 27 -2.93 -1.60 2.20
N CYS A 28 -3.49 -0.46 2.52
CA CYS A 28 -2.64 0.72 2.86
C CYS A 28 -3.27 1.53 3.99
N ARG A 29 -2.55 2.48 4.52
CA ARG A 29 -3.11 3.31 5.63
C ARG A 29 -2.66 4.76 5.48
N ARG A 30 -3.30 5.66 6.19
CA ARG A 30 -2.91 7.10 6.09
C ARG A 30 -2.30 7.57 7.41
N THR A 31 -2.16 8.86 7.58
CA THR A 31 -1.57 9.38 8.84
C THR A 31 -2.67 9.77 9.82
N SER A 32 -2.33 10.50 10.85
CA SER A 32 -3.36 10.91 11.84
C SER A 32 -3.75 12.38 11.63
N GLY A 33 -4.72 12.62 10.78
CA GLY A 33 -5.15 14.02 10.53
C GLY A 33 -6.67 14.08 10.40
N ALA A 1 -1.79 -5.70 -7.82
CA ALA A 1 -1.17 -7.01 -7.44
C ALA A 1 -0.67 -6.94 -6.00
N CYS A 2 -0.31 -8.06 -5.43
CA CYS A 2 0.18 -8.07 -4.02
C CYS A 2 1.71 -8.05 -3.99
N ASN A 3 2.29 -6.88 -3.99
CA ASN A 3 3.78 -6.79 -3.96
C ASN A 3 4.23 -5.57 -3.15
N ASP A 4 5.15 -5.75 -2.25
CA ASP A 4 5.63 -4.60 -1.43
C ASP A 4 6.00 -3.42 -2.32
N ARG A 5 6.57 -3.70 -3.45
CA ARG A 5 6.97 -2.59 -4.37
C ARG A 5 5.72 -1.99 -5.04
N ASP A 6 4.80 -2.82 -5.45
CA ASP A 6 3.57 -2.30 -6.11
C ASP A 6 2.58 -1.80 -5.05
N CYS A 7 2.69 -2.27 -3.84
CA CYS A 7 1.75 -1.83 -2.78
C CYS A 7 2.14 -0.42 -2.30
N SER A 8 3.41 -0.14 -2.24
CA SER A 8 3.86 1.20 -1.77
C SER A 8 3.85 2.21 -2.93
N LEU A 9 4.15 1.75 -4.12
CA LEU A 9 4.16 2.69 -5.28
C LEU A 9 2.73 3.10 -5.65
N ASP A 10 1.87 2.15 -5.86
CA ASP A 10 0.46 2.49 -6.22
C ASP A 10 -0.20 3.27 -5.08
N CYS A 11 0.28 3.10 -3.88
CA CYS A 11 -0.33 3.83 -2.73
C CYS A 11 0.18 5.27 -2.69
N ILE A 12 1.46 5.47 -2.86
CA ILE A 12 2.00 6.86 -2.84
C ILE A 12 1.42 7.67 -4.01
N MET A 13 1.11 7.03 -5.09
CA MET A 13 0.54 7.76 -6.26
C MET A 13 -0.97 7.93 -6.09
N LYS A 14 -1.60 7.04 -5.38
CA LYS A 14 -3.07 7.14 -5.18
C LYS A 14 -3.38 8.17 -4.10
N GLY A 15 -2.48 8.39 -3.18
CA GLY A 15 -2.73 9.39 -2.11
C GLY A 15 -2.64 8.71 -0.74
N TYR A 16 -2.03 7.55 -0.68
CA TYR A 16 -1.91 6.84 0.62
C TYR A 16 -0.51 7.04 1.22
N ASN A 17 -0.19 6.33 2.26
CA ASN A 17 1.16 6.49 2.87
C ASN A 17 1.90 5.15 2.89
N PHE A 18 1.32 4.15 3.50
CA PHE A 18 1.98 2.82 3.55
C PHE A 18 0.93 1.70 3.53
N GLY A 19 1.29 0.53 3.06
CA GLY A 19 0.30 -0.58 3.01
C GLY A 19 0.97 -1.87 3.48
N LYS A 20 0.57 -2.99 2.93
CA LYS A 20 1.19 -4.29 3.34
C LYS A 20 0.48 -5.45 2.65
N CYS A 21 1.21 -6.46 2.26
CA CYS A 21 0.58 -7.62 1.58
C CYS A 21 0.30 -8.75 2.57
N VAL A 22 -0.91 -9.21 2.65
CA VAL A 22 -1.24 -10.30 3.60
C VAL A 22 -1.17 -11.65 2.88
N ARG A 23 -0.13 -11.87 2.11
CA ARG A 23 0.01 -13.16 1.38
C ARG A 23 -1.16 -13.35 0.41
N GLY A 24 -1.06 -12.80 -0.76
CA GLY A 24 -2.17 -12.97 -1.75
C GLY A 24 -2.99 -11.67 -1.83
N SER A 25 -2.91 -10.84 -0.83
CA SER A 25 -3.69 -9.57 -0.84
C SER A 25 -2.79 -8.39 -0.46
N CYS A 26 -3.20 -7.19 -0.77
CA CYS A 26 -2.38 -6.00 -0.43
C CYS A 26 -3.27 -4.86 0.09
N GLN A 27 -2.99 -4.39 1.28
CA GLN A 27 -3.80 -3.29 1.84
C GLN A 27 -2.99 -1.98 1.87
N CYS A 28 -3.60 -0.89 2.24
CA CYS A 28 -2.86 0.40 2.28
C CYS A 28 -3.40 1.30 3.39
N ARG A 29 -2.62 2.21 3.87
CA ARG A 29 -3.09 3.12 4.95
C ARG A 29 -2.50 4.53 4.77
N ARG A 30 -3.30 5.55 4.95
CA ARG A 30 -2.79 6.93 4.78
C ARG A 30 -2.23 7.46 6.11
N THR A 31 -2.10 8.75 6.24
CA THR A 31 -1.56 9.32 7.51
C THR A 31 -2.68 9.98 8.31
N SER A 32 -2.41 10.37 9.53
CA SER A 32 -3.46 11.02 10.36
C SER A 32 -2.83 11.76 11.54
N GLY A 33 -2.60 11.07 12.63
CA GLY A 33 -1.98 11.73 13.82
C GLY A 33 -1.07 10.74 14.53
N ALA A 1 1.26 -10.58 -8.16
CA ALA A 1 2.47 -10.14 -7.42
C ALA A 1 2.15 -8.94 -6.53
N CYS A 2 1.76 -9.18 -5.30
CA CYS A 2 1.43 -8.06 -4.39
C CYS A 2 2.67 -7.65 -3.59
N ASN A 3 3.82 -7.68 -4.20
CA ASN A 3 5.07 -7.29 -3.47
C ASN A 3 4.88 -5.92 -2.81
N ASP A 4 5.61 -5.66 -1.76
CA ASP A 4 5.48 -4.35 -1.06
C ASP A 4 5.93 -3.21 -1.99
N ARG A 5 6.64 -3.53 -3.04
CA ARG A 5 7.11 -2.47 -3.97
C ARG A 5 5.95 -1.95 -4.83
N ASP A 6 5.27 -2.84 -5.52
CA ASP A 6 4.15 -2.41 -6.39
C ASP A 6 2.88 -2.17 -5.55
N CYS A 7 2.77 -2.82 -4.43
CA CYS A 7 1.56 -2.62 -3.58
C CYS A 7 1.66 -1.28 -2.83
N SER A 8 2.84 -0.88 -2.46
CA SER A 8 2.99 0.42 -1.73
C SER A 8 2.94 1.59 -2.71
N LEU A 9 3.61 1.47 -3.83
CA LEU A 9 3.60 2.59 -4.82
C LEU A 9 2.16 2.97 -5.16
N ASP A 10 1.30 2.01 -5.34
CA ASP A 10 -0.12 2.33 -5.67
C ASP A 10 -0.77 3.10 -4.52
N CYS A 11 -0.29 2.90 -3.32
CA CYS A 11 -0.88 3.61 -2.15
C CYS A 11 -0.50 5.09 -2.20
N ILE A 12 0.72 5.39 -2.54
CA ILE A 12 1.15 6.81 -2.60
C ILE A 12 0.36 7.56 -3.68
N MET A 13 0.23 6.96 -4.84
CA MET A 13 -0.55 7.62 -5.93
C MET A 13 -2.01 7.78 -5.53
N LYS A 14 -2.51 6.87 -4.74
CA LYS A 14 -3.93 6.96 -4.31
C LYS A 14 -4.11 8.09 -3.29
N GLY A 15 -3.10 8.34 -2.49
CA GLY A 15 -3.20 9.43 -1.47
C GLY A 15 -2.60 8.94 -0.15
N TYR A 16 -2.26 7.69 -0.06
CA TYR A 16 -1.68 7.16 1.20
C TYR A 16 -0.16 7.35 1.19
N ASN A 17 0.51 6.76 2.15
CA ASN A 17 2.00 6.90 2.20
C ASN A 17 2.67 5.52 2.10
N PHE A 18 2.12 4.54 2.77
CA PHE A 18 2.73 3.18 2.71
C PHE A 18 1.63 2.12 2.80
N GLY A 19 1.82 1.00 2.15
CA GLY A 19 0.79 -0.07 2.19
C GLY A 19 1.47 -1.43 2.36
N LYS A 20 0.73 -2.50 2.27
CA LYS A 20 1.34 -3.85 2.43
C LYS A 20 0.40 -4.92 1.87
N CYS A 21 0.94 -6.07 1.54
CA CYS A 21 0.08 -7.16 0.98
C CYS A 21 -0.52 -7.99 2.11
N VAL A 22 -1.77 -8.37 2.00
CA VAL A 22 -2.41 -9.18 3.09
C VAL A 22 -2.83 -10.55 2.56
N ARG A 23 -1.98 -11.53 2.69
CA ARG A 23 -2.33 -12.90 2.21
C ARG A 23 -2.85 -12.87 0.77
N GLY A 24 -2.10 -12.29 -0.14
CA GLY A 24 -2.55 -12.25 -1.55
C GLY A 24 -3.38 -10.99 -1.81
N SER A 25 -3.31 -10.02 -0.93
CA SER A 25 -4.09 -8.77 -1.15
C SER A 25 -3.15 -7.56 -1.18
N CYS A 26 -3.68 -6.39 -1.38
CA CYS A 26 -2.81 -5.18 -1.43
C CYS A 26 -3.55 -3.97 -0.83
N GLN A 27 -3.34 -3.70 0.43
CA GLN A 27 -4.03 -2.54 1.07
C GLN A 27 -3.04 -1.40 1.28
N CYS A 28 -3.50 -0.29 1.80
CA CYS A 28 -2.58 0.86 2.03
C CYS A 28 -2.81 1.46 3.42
N ARG A 29 -1.80 2.02 4.01
CA ARG A 29 -1.95 2.61 5.37
C ARG A 29 -1.55 4.09 5.34
N ARG A 30 -2.20 4.90 6.13
CA ARG A 30 -1.85 6.36 6.16
C ARG A 30 -0.87 6.65 7.28
N THR A 31 -0.38 7.86 7.36
CA THR A 31 0.59 8.21 8.44
C THR A 31 -0.15 8.43 9.75
N SER A 32 0.49 9.04 10.71
CA SER A 32 -0.17 9.28 12.03
C SER A 32 0.29 10.61 12.61
N GLY A 33 0.29 11.66 11.83
CA GLY A 33 0.73 12.98 12.35
C GLY A 33 1.65 13.65 11.32
N ALA A 1 0.47 -12.90 -5.31
CA ALA A 1 1.84 -12.42 -5.63
C ALA A 1 1.90 -10.89 -5.57
N CYS A 2 1.55 -10.31 -4.46
CA CYS A 2 1.58 -8.83 -4.34
C CYS A 2 2.99 -8.36 -4.01
N ASN A 3 3.56 -7.53 -4.85
CA ASN A 3 4.94 -7.04 -4.59
C ASN A 3 4.90 -5.85 -3.61
N ASP A 4 5.82 -5.80 -2.69
CA ASP A 4 5.85 -4.68 -1.71
C ASP A 4 6.17 -3.36 -2.43
N ARG A 5 6.95 -3.43 -3.47
CA ARG A 5 7.30 -2.18 -4.21
C ARG A 5 6.11 -1.73 -5.07
N ASP A 6 5.44 -2.64 -5.72
CA ASP A 6 4.28 -2.27 -6.56
C ASP A 6 3.04 -2.05 -5.69
N CYS A 7 3.01 -2.62 -4.53
CA CYS A 7 1.83 -2.43 -3.63
C CYS A 7 1.91 -1.07 -2.93
N SER A 8 3.08 -0.66 -2.55
CA SER A 8 3.22 0.66 -1.87
C SER A 8 3.09 1.80 -2.89
N LEU A 9 3.69 1.65 -4.03
CA LEU A 9 3.60 2.72 -5.06
C LEU A 9 2.13 3.06 -5.34
N ASP A 10 1.30 2.07 -5.54
CA ASP A 10 -0.13 2.34 -5.81
C ASP A 10 -0.77 3.06 -4.62
N CYS A 11 -0.41 2.67 -3.42
CA CYS A 11 -0.99 3.33 -2.22
C CYS A 11 -0.54 4.79 -2.14
N ILE A 12 0.70 5.05 -2.47
CA ILE A 12 1.21 6.44 -2.41
C ILE A 12 0.45 7.32 -3.41
N MET A 13 0.06 6.77 -4.52
CA MET A 13 -0.69 7.58 -5.53
C MET A 13 -2.10 7.90 -5.03
N LYS A 14 -2.74 6.95 -4.39
CA LYS A 14 -4.12 7.20 -3.88
C LYS A 14 -4.11 8.36 -2.90
N GLY A 15 -2.96 8.76 -2.43
CA GLY A 15 -2.89 9.89 -1.46
C GLY A 15 -2.54 9.36 -0.07
N TYR A 16 -2.13 8.12 0.01
CA TYR A 16 -1.77 7.54 1.33
C TYR A 16 -0.27 7.69 1.58
N ASN A 17 0.25 6.98 2.55
CA ASN A 17 1.71 7.08 2.84
C ASN A 17 2.40 5.75 2.51
N PHE A 18 2.02 4.70 3.19
CA PHE A 18 2.64 3.37 2.93
C PHE A 18 1.56 2.30 2.80
N GLY A 19 1.88 1.19 2.19
CA GLY A 19 0.86 0.12 2.03
C GLY A 19 1.50 -1.24 2.31
N LYS A 20 0.72 -2.29 2.35
CA LYS A 20 1.27 -3.64 2.61
C LYS A 20 0.39 -4.71 1.98
N CYS A 21 0.97 -5.77 1.49
CA CYS A 21 0.15 -6.85 0.86
C CYS A 21 -0.39 -7.81 1.93
N VAL A 22 -1.49 -8.45 1.66
CA VAL A 22 -2.07 -9.39 2.65
C VAL A 22 -2.83 -10.51 1.93
N ARG A 23 -2.81 -11.70 2.48
CA ARG A 23 -3.53 -12.85 1.84
C ARG A 23 -3.41 -12.78 0.31
N GLY A 24 -2.30 -12.30 -0.18
CA GLY A 24 -2.12 -12.20 -1.66
C GLY A 24 -2.86 -10.96 -2.18
N SER A 25 -2.84 -9.89 -1.44
CA SER A 25 -3.53 -8.65 -1.90
C SER A 25 -2.66 -7.43 -1.62
N CYS A 26 -3.23 -6.25 -1.75
CA CYS A 26 -2.43 -5.01 -1.49
C CYS A 26 -3.29 -3.97 -0.78
N GLN A 27 -2.90 -3.56 0.40
CA GLN A 27 -3.70 -2.55 1.14
C GLN A 27 -2.86 -1.28 1.38
N CYS A 28 -3.49 -0.21 1.75
CA CYS A 28 -2.73 1.05 2.01
C CYS A 28 -3.09 1.62 3.38
N ARG A 29 -2.15 2.28 4.02
CA ARG A 29 -2.44 2.85 5.37
C ARG A 29 -2.05 4.33 5.41
N ARG A 30 -2.46 5.04 6.44
CA ARG A 30 -2.10 6.48 6.53
C ARG A 30 -1.21 6.73 7.76
N THR A 31 -0.86 7.96 8.01
CA THR A 31 0.00 8.27 9.18
C THR A 31 -0.77 9.12 10.20
N SER A 32 -0.32 9.16 11.42
CA SER A 32 -1.03 9.97 12.45
C SER A 32 -0.01 10.64 13.38
N GLY A 33 0.89 9.88 13.93
CA GLY A 33 1.90 10.48 14.85
C GLY A 33 2.97 9.42 15.19
N ALA A 1 1.92 -13.14 -6.09
CA ALA A 1 0.54 -12.58 -6.11
C ALA A 1 0.58 -11.05 -6.10
N CYS A 2 0.58 -10.46 -4.93
CA CYS A 2 0.62 -8.97 -4.86
C CYS A 2 2.05 -8.50 -4.54
N ASN A 3 2.47 -7.42 -5.12
CA ASN A 3 3.85 -6.91 -4.84
C ASN A 3 3.80 -5.76 -3.84
N ASP A 4 4.57 -5.84 -2.79
CA ASP A 4 4.57 -4.75 -1.77
C ASP A 4 5.13 -3.46 -2.38
N ARG A 5 6.26 -3.55 -3.04
CA ARG A 5 6.85 -2.33 -3.66
C ARG A 5 5.90 -1.78 -4.72
N ASP A 6 5.23 -2.65 -5.43
CA ASP A 6 4.28 -2.18 -6.48
C ASP A 6 2.96 -1.74 -5.82
N CYS A 7 2.71 -2.21 -4.63
CA CYS A 7 1.46 -1.83 -3.93
C CYS A 7 1.63 -0.45 -3.28
N SER A 8 2.73 -0.22 -2.62
CA SER A 8 2.96 1.11 -1.97
C SER A 8 3.15 2.19 -3.04
N LEU A 9 3.91 1.91 -4.05
CA LEU A 9 4.12 2.93 -5.13
C LEU A 9 2.78 3.41 -5.67
N ASP A 10 1.88 2.50 -5.90
CA ASP A 10 0.54 2.90 -6.43
C ASP A 10 -0.29 3.57 -5.34
N CYS A 11 -0.29 3.01 -4.15
CA CYS A 11 -1.08 3.62 -3.05
C CYS A 11 -0.52 4.99 -2.66
N ILE A 12 0.79 5.13 -2.64
CA ILE A 12 1.39 6.43 -2.27
C ILE A 12 0.99 7.50 -3.30
N MET A 13 1.13 7.18 -4.56
CA MET A 13 0.75 8.18 -5.62
C MET A 13 -0.75 8.47 -5.55
N LYS A 14 -1.52 7.55 -5.03
CA LYS A 14 -2.99 7.77 -4.94
C LYS A 14 -3.29 8.77 -3.82
N GLY A 15 -2.55 8.72 -2.74
CA GLY A 15 -2.80 9.67 -1.63
C GLY A 15 -2.47 9.00 -0.30
N TYR A 16 -2.32 7.70 -0.29
CA TYR A 16 -1.99 6.99 0.98
C TYR A 16 -0.53 7.24 1.37
N ASN A 17 -0.03 6.51 2.33
CA ASN A 17 1.38 6.71 2.76
C ASN A 17 2.11 5.36 2.85
N PHE A 18 1.56 4.42 3.57
CA PHE A 18 2.22 3.09 3.70
C PHE A 18 1.17 1.98 3.69
N GLY A 19 1.54 0.80 3.25
CA GLY A 19 0.58 -0.32 3.23
C GLY A 19 1.33 -1.65 3.45
N LYS A 20 0.82 -2.72 2.93
CA LYS A 20 1.48 -4.04 3.11
C LYS A 20 0.77 -5.11 2.29
N CYS A 21 1.49 -6.10 1.83
CA CYS A 21 0.85 -7.18 1.03
C CYS A 21 0.37 -8.32 1.95
N VAL A 22 -0.87 -8.72 1.81
CA VAL A 22 -1.39 -9.81 2.68
C VAL A 22 -1.65 -11.07 1.84
N ARG A 23 -0.70 -11.96 1.79
CA ARG A 23 -0.90 -13.20 0.99
C ARG A 23 -1.11 -12.87 -0.48
N GLY A 24 -2.34 -12.65 -0.88
CA GLY A 24 -2.62 -12.33 -2.31
C GLY A 24 -3.29 -10.96 -2.40
N SER A 25 -3.08 -10.12 -1.44
CA SER A 25 -3.70 -8.76 -1.48
C SER A 25 -2.78 -7.74 -0.80
N CYS A 26 -3.23 -6.53 -0.65
CA CYS A 26 -2.38 -5.50 0.01
C CYS A 26 -3.26 -4.47 0.74
N GLN A 27 -2.76 -3.89 1.79
CA GLN A 27 -3.56 -2.87 2.52
C GLN A 27 -2.89 -1.50 2.39
N CYS A 28 -3.51 -0.47 2.91
CA CYS A 28 -2.91 0.88 2.81
C CYS A 28 -3.43 1.79 3.92
N ARG A 29 -2.58 2.62 4.47
CA ARG A 29 -3.03 3.53 5.57
C ARG A 29 -2.51 4.95 5.32
N ARG A 30 -3.34 5.93 5.54
CA ARG A 30 -2.88 7.34 5.32
C ARG A 30 -2.51 8.00 6.64
N THR A 31 -2.00 9.20 6.59
CA THR A 31 -1.61 9.90 7.84
C THR A 31 -2.72 10.86 8.29
N SER A 32 -3.01 10.90 9.56
CA SER A 32 -4.08 11.81 10.05
C SER A 32 -3.48 12.94 10.90
N GLY A 33 -2.25 13.28 10.65
CA GLY A 33 -1.60 14.37 11.43
C GLY A 33 -0.10 14.13 11.52
N ALA A 1 1.81 -12.94 -6.79
CA ALA A 1 1.39 -12.50 -5.42
C ALA A 1 1.32 -10.97 -5.36
N CYS A 2 1.33 -10.42 -4.18
CA CYS A 2 1.27 -8.94 -4.04
C CYS A 2 2.68 -8.36 -3.85
N ASN A 3 3.12 -7.56 -4.78
CA ASN A 3 4.49 -6.98 -4.64
C ASN A 3 4.45 -5.73 -3.76
N ASP A 4 5.08 -5.77 -2.62
CA ASP A 4 5.08 -4.59 -1.71
C ASP A 4 5.64 -3.36 -2.43
N ARG A 5 6.41 -3.57 -3.47
CA ARG A 5 6.99 -2.42 -4.22
C ARG A 5 5.92 -1.81 -5.14
N ASP A 6 5.21 -2.63 -5.86
CA ASP A 6 4.17 -2.10 -6.78
C ASP A 6 2.91 -1.74 -5.98
N CYS A 7 2.79 -2.26 -4.79
CA CYS A 7 1.59 -1.95 -3.96
C CYS A 7 1.75 -0.57 -3.32
N SER A 8 2.84 -0.34 -2.63
CA SER A 8 3.04 1.00 -1.99
C SER A 8 3.17 2.08 -3.06
N LEU A 9 3.89 1.80 -4.12
CA LEU A 9 4.04 2.83 -5.19
C LEU A 9 2.67 3.31 -5.67
N ASP A 10 1.80 2.40 -6.02
CA ASP A 10 0.45 2.82 -6.49
C ASP A 10 -0.37 3.41 -5.34
N CYS A 11 -0.26 2.84 -4.16
CA CYS A 11 -1.02 3.37 -3.01
C CYS A 11 -0.53 4.77 -2.63
N ILE A 12 0.76 4.98 -2.69
CA ILE A 12 1.30 6.33 -2.35
C ILE A 12 0.79 7.37 -3.35
N MET A 13 0.70 7.00 -4.59
CA MET A 13 0.20 7.96 -5.62
C MET A 13 -1.29 8.22 -5.42
N LYS A 14 -2.00 7.26 -4.89
CA LYS A 14 -3.46 7.45 -4.67
C LYS A 14 -3.70 8.50 -3.59
N GLY A 15 -2.81 8.60 -2.64
CA GLY A 15 -2.99 9.61 -1.56
C GLY A 15 -2.61 9.00 -0.21
N TYR A 16 -2.37 7.71 -0.18
CA TYR A 16 -2.00 7.05 1.09
C TYR A 16 -0.52 7.29 1.41
N ASN A 17 0.04 6.51 2.31
CA ASN A 17 1.47 6.69 2.65
C ASN A 17 2.19 5.34 2.67
N PHE A 18 1.79 4.46 3.55
CA PHE A 18 2.45 3.12 3.61
C PHE A 18 1.40 2.01 3.72
N GLY A 19 1.66 0.88 3.12
CA GLY A 19 0.67 -0.24 3.17
C GLY A 19 1.42 -1.56 3.36
N LYS A 20 0.87 -2.64 2.86
CA LYS A 20 1.55 -3.97 3.01
C LYS A 20 0.79 -5.04 2.22
N CYS A 21 1.48 -6.06 1.78
CA CYS A 21 0.80 -7.14 1.01
C CYS A 21 0.31 -8.23 1.95
N VAL A 22 -0.82 -8.83 1.65
CA VAL A 22 -1.36 -9.92 2.53
C VAL A 22 -1.94 -11.05 1.68
N ARG A 23 -1.35 -12.20 1.74
CA ARG A 23 -1.88 -13.35 0.94
C ARG A 23 -1.92 -12.97 -0.55
N GLY A 24 -3.02 -12.48 -1.03
CA GLY A 24 -3.11 -12.10 -2.46
C GLY A 24 -3.71 -10.70 -2.58
N SER A 25 -3.60 -9.91 -1.56
CA SER A 25 -4.15 -8.52 -1.60
C SER A 25 -3.21 -7.56 -0.88
N CYS A 26 -3.47 -6.28 -0.96
CA CYS A 26 -2.59 -5.30 -0.26
C CYS A 26 -3.42 -4.20 0.41
N GLN A 27 -2.97 -3.72 1.53
CA GLN A 27 -3.72 -2.64 2.24
C GLN A 27 -2.82 -1.39 2.38
N CYS A 28 -3.38 -0.29 2.80
CA CYS A 28 -2.55 0.94 2.95
C CYS A 28 -3.12 1.83 4.06
N ARG A 29 -2.30 2.69 4.61
CA ARG A 29 -2.80 3.58 5.70
C ARG A 29 -2.46 5.04 5.40
N ARG A 30 -3.14 5.97 6.01
CA ARG A 30 -2.85 7.40 5.76
C ARG A 30 -2.15 8.02 6.98
N THR A 31 -1.40 9.06 6.77
CA THR A 31 -0.70 9.71 7.92
C THR A 31 -1.66 10.61 8.70
N SER A 32 -1.15 11.38 9.61
CA SER A 32 -2.05 12.28 10.40
C SER A 32 -1.91 13.73 9.92
N GLY A 33 -2.34 14.68 10.71
CA GLY A 33 -2.22 16.10 10.28
C GLY A 33 -3.38 16.45 9.35
N ALA A 1 3.10 -12.42 -3.47
CA ALA A 1 3.21 -12.37 -4.96
C ALA A 1 2.40 -11.19 -5.51
N CYS A 2 2.04 -10.26 -4.67
CA CYS A 2 1.26 -9.08 -5.14
C CYS A 2 2.20 -7.92 -5.50
N ASN A 3 3.48 -8.19 -5.56
CA ASN A 3 4.44 -7.11 -5.90
C ASN A 3 4.47 -6.06 -4.77
N ASP A 4 5.25 -6.29 -3.75
CA ASP A 4 5.31 -5.33 -2.62
C ASP A 4 5.62 -3.92 -3.14
N ARG A 5 6.50 -3.82 -4.09
CA ARG A 5 6.84 -2.47 -4.64
C ARG A 5 5.60 -1.83 -5.28
N ASP A 6 4.77 -2.62 -5.90
CA ASP A 6 3.55 -2.05 -6.53
C ASP A 6 2.45 -1.86 -5.47
N CYS A 7 2.64 -2.43 -4.31
CA CYS A 7 1.62 -2.28 -3.24
C CYS A 7 1.81 -0.96 -2.51
N SER A 8 3.04 -0.57 -2.27
CA SER A 8 3.29 0.71 -1.56
C SER A 8 3.27 1.88 -2.56
N LEU A 9 3.75 1.65 -3.75
CA LEU A 9 3.75 2.74 -4.77
C LEU A 9 2.32 3.13 -5.13
N ASP A 10 1.48 2.17 -5.38
CA ASP A 10 0.06 2.49 -5.72
C ASP A 10 -0.63 3.16 -4.54
N CYS A 11 -0.36 2.71 -3.35
CA CYS A 11 -0.99 3.33 -2.15
C CYS A 11 -0.48 4.76 -1.95
N ILE A 12 0.80 4.97 -2.14
CA ILE A 12 1.36 6.33 -1.97
C ILE A 12 0.83 7.27 -3.05
N MET A 13 0.78 6.82 -4.28
CA MET A 13 0.27 7.69 -5.37
C MET A 13 -1.25 7.91 -5.21
N LYS A 14 -1.90 7.05 -4.47
CA LYS A 14 -3.37 7.22 -4.27
C LYS A 14 -3.65 8.38 -3.31
N GLY A 15 -2.69 8.76 -2.52
CA GLY A 15 -2.91 9.89 -1.58
C GLY A 15 -2.62 9.43 -0.15
N TYR A 16 -2.26 8.18 0.04
CA TYR A 16 -1.96 7.69 1.40
C TYR A 16 -0.48 7.90 1.74
N ASN A 17 0.04 7.16 2.67
CA ASN A 17 1.48 7.32 3.04
C ASN A 17 2.22 6.00 2.83
N PHE A 18 1.63 4.89 3.17
CA PHE A 18 2.31 3.58 2.99
C PHE A 18 1.28 2.45 2.91
N GLY A 19 1.65 1.34 2.33
CA GLY A 19 0.70 0.20 2.22
C GLY A 19 1.43 -1.11 2.50
N LYS A 20 0.84 -2.22 2.15
CA LYS A 20 1.52 -3.53 2.40
C LYS A 20 0.67 -4.68 1.85
N CYS A 21 1.24 -5.83 1.68
CA CYS A 21 0.47 -6.98 1.14
C CYS A 21 -0.12 -7.80 2.30
N VAL A 22 -1.18 -8.52 2.03
CA VAL A 22 -1.81 -9.35 3.11
C VAL A 22 -2.63 -10.48 2.48
N ARG A 23 -2.12 -11.68 2.49
CA ARG A 23 -2.87 -12.82 1.90
C ARG A 23 -3.18 -12.54 0.43
N GLY A 24 -2.17 -12.47 -0.40
CA GLY A 24 -2.41 -12.19 -1.84
C GLY A 24 -3.31 -10.97 -1.99
N SER A 25 -3.04 -9.94 -1.24
CA SER A 25 -3.88 -8.71 -1.34
C SER A 25 -3.01 -7.45 -1.20
N CYS A 26 -3.53 -6.32 -1.57
CA CYS A 26 -2.73 -5.06 -1.47
C CYS A 26 -3.59 -3.95 -0.85
N GLN A 27 -3.26 -3.53 0.35
CA GLN A 27 -4.06 -2.46 1.01
C GLN A 27 -3.17 -1.24 1.28
N CYS A 28 -3.77 -0.13 1.62
CA CYS A 28 -2.97 1.10 1.89
C CYS A 28 -3.28 1.63 3.30
N ARG A 29 -2.30 2.13 3.99
CA ARG A 29 -2.54 2.66 5.36
C ARG A 29 -1.95 4.06 5.50
N ARG A 30 -2.69 4.96 6.10
CA ARG A 30 -2.17 6.35 6.27
C ARG A 30 -1.58 6.53 7.67
N THR A 31 -1.23 7.74 8.02
CA THR A 31 -0.65 7.98 9.38
C THR A 31 -1.57 8.91 10.19
N SER A 32 -2.33 9.72 9.52
CA SER A 32 -3.26 10.65 10.25
C SER A 32 -4.70 10.16 10.11
N GLY A 33 -5.63 10.89 10.68
CA GLY A 33 -7.06 10.48 10.59
C GLY A 33 -7.59 10.16 11.99
N ALA A 1 -2.16 -7.92 -7.78
CA ALA A 1 -0.68 -7.74 -7.80
C ALA A 1 -0.16 -7.44 -6.39
N CYS A 2 0.06 -8.46 -5.60
CA CYS A 2 0.56 -8.25 -4.21
C CYS A 2 2.09 -8.09 -4.23
N ASN A 3 2.58 -6.92 -4.52
CA ASN A 3 4.05 -6.70 -4.56
C ASN A 3 4.42 -5.52 -3.65
N ASP A 4 5.39 -5.72 -2.78
CA ASP A 4 5.80 -4.62 -1.87
C ASP A 4 6.17 -3.36 -2.66
N ARG A 5 6.86 -3.51 -3.75
CA ARG A 5 7.25 -2.33 -4.57
C ARG A 5 6.09 -1.91 -5.48
N ASP A 6 5.35 -2.85 -5.98
CA ASP A 6 4.20 -2.50 -6.86
C ASP A 6 3.01 -2.04 -6.04
N CYS A 7 2.93 -2.47 -4.80
CA CYS A 7 1.78 -2.05 -3.94
C CYS A 7 2.10 -0.74 -3.24
N SER A 8 3.31 -0.59 -2.75
CA SER A 8 3.68 0.66 -2.06
C SER A 8 3.73 1.84 -3.06
N LEU A 9 4.36 1.64 -4.18
CA LEU A 9 4.43 2.73 -5.20
C LEU A 9 3.04 3.07 -5.73
N ASP A 10 2.21 2.08 -5.92
CA ASP A 10 0.84 2.36 -6.45
C ASP A 10 -0.04 2.97 -5.35
N CYS A 11 -0.05 2.38 -4.19
CA CYS A 11 -0.89 2.93 -3.08
C CYS A 11 -0.34 4.28 -2.61
N ILE A 12 0.96 4.42 -2.53
CA ILE A 12 1.55 5.71 -2.07
C ILE A 12 1.20 6.82 -3.06
N MET A 13 1.22 6.53 -4.33
CA MET A 13 0.88 7.57 -5.34
C MET A 13 -0.63 7.77 -5.41
N LYS A 14 -1.38 6.81 -4.93
CA LYS A 14 -2.87 6.94 -4.97
C LYS A 14 -3.33 7.97 -3.95
N GLY A 15 -2.56 8.20 -2.93
CA GLY A 15 -2.94 9.18 -1.89
C GLY A 15 -2.75 8.58 -0.49
N TYR A 16 -2.36 7.34 -0.43
CA TYR A 16 -2.16 6.69 0.90
C TYR A 16 -0.78 7.05 1.46
N ASN A 17 -0.38 6.45 2.54
CA ASN A 17 0.95 6.76 3.14
C ASN A 17 1.77 5.48 3.34
N PHE A 18 1.11 4.38 3.62
CA PHE A 18 1.86 3.12 3.83
C PHE A 18 1.34 2.03 2.87
N GLY A 19 2.03 0.93 2.79
CA GLY A 19 1.59 -0.17 1.89
C GLY A 19 2.16 -1.50 2.37
N LYS A 20 1.34 -2.50 2.52
CA LYS A 20 1.85 -3.82 2.99
C LYS A 20 1.09 -4.96 2.31
N CYS A 21 1.77 -6.02 1.96
CA CYS A 21 1.09 -7.16 1.29
C CYS A 21 0.76 -8.25 2.32
N VAL A 22 -0.45 -8.74 2.31
CA VAL A 22 -0.82 -9.81 3.30
C VAL A 22 -1.93 -10.70 2.72
N ARG A 23 -1.72 -11.98 2.73
CA ARG A 23 -2.77 -12.91 2.19
C ARG A 23 -2.95 -12.68 0.69
N GLY A 24 -1.90 -12.81 -0.07
CA GLY A 24 -2.01 -12.60 -1.54
C GLY A 24 -2.72 -11.27 -1.82
N SER A 25 -2.70 -10.38 -0.87
CA SER A 25 -3.37 -9.06 -1.07
C SER A 25 -2.54 -7.94 -0.43
N CYS A 26 -2.97 -6.72 -0.55
CA CYS A 26 -2.19 -5.60 0.05
C CYS A 26 -3.14 -4.62 0.74
N GLN A 27 -2.73 -4.07 1.86
CA GLN A 27 -3.59 -3.10 2.57
C GLN A 27 -2.94 -1.72 2.59
N CYS A 28 -3.71 -0.68 2.73
CA CYS A 28 -3.13 0.69 2.74
C CYS A 28 -3.55 1.44 4.01
N ARG A 29 -2.98 2.59 4.25
CA ARG A 29 -3.34 3.36 5.46
C ARG A 29 -3.34 4.87 5.14
N ARG A 30 -4.30 5.59 5.65
CA ARG A 30 -4.35 7.06 5.38
C ARG A 30 -3.97 7.85 6.64
N THR A 31 -2.90 8.60 6.58
CA THR A 31 -2.48 9.39 7.77
C THR A 31 -3.35 10.64 7.90
N SER A 32 -2.92 11.59 8.69
CA SER A 32 -3.72 12.84 8.87
C SER A 32 -2.86 14.06 8.55
N GLY A 33 -3.45 15.22 8.44
CA GLY A 33 -2.67 16.44 8.15
C GLY A 33 -3.22 17.61 8.96
N ALA A 1 0.86 -13.24 -5.50
CA ALA A 1 1.71 -12.30 -6.27
C ALA A 1 1.21 -10.86 -6.08
N CYS A 2 1.53 -10.26 -4.97
CA CYS A 2 1.08 -8.85 -4.73
C CYS A 2 2.25 -7.88 -4.87
N ASN A 3 3.43 -8.29 -4.49
CA ASN A 3 4.62 -7.40 -4.61
C ASN A 3 4.39 -6.10 -3.83
N ASP A 4 5.29 -5.78 -2.93
CA ASP A 4 5.13 -4.52 -2.13
C ASP A 4 5.60 -3.32 -2.95
N ARG A 5 6.47 -3.54 -3.89
CA ARG A 5 6.97 -2.41 -4.73
C ARG A 5 5.82 -1.79 -5.54
N ASP A 6 5.19 -2.56 -6.39
CA ASP A 6 4.07 -2.01 -7.20
C ASP A 6 2.79 -1.97 -6.37
N CYS A 7 2.88 -2.26 -5.10
CA CYS A 7 1.68 -2.24 -4.24
C CYS A 7 1.63 -0.93 -3.44
N SER A 8 2.77 -0.45 -3.03
CA SER A 8 2.79 0.82 -2.24
C SER A 8 2.99 2.02 -3.19
N LEU A 9 3.68 1.82 -4.29
CA LEU A 9 3.91 2.95 -5.23
C LEU A 9 2.57 3.58 -5.64
N ASP A 10 1.67 2.79 -6.16
CA ASP A 10 0.35 3.35 -6.58
C ASP A 10 -0.42 3.87 -5.37
N CYS A 11 -0.31 3.19 -4.25
CA CYS A 11 -1.04 3.64 -3.03
C CYS A 11 -0.49 4.98 -2.55
N ILE A 12 0.80 5.09 -2.42
CA ILE A 12 1.40 6.38 -1.95
C ILE A 12 1.11 7.49 -2.97
N MET A 13 0.88 7.12 -4.20
CA MET A 13 0.59 8.15 -5.24
C MET A 13 -0.86 8.60 -5.14
N LYS A 14 -1.72 7.75 -4.64
CA LYS A 14 -3.16 8.13 -4.51
C LYS A 14 -3.34 9.14 -3.37
N GLY A 15 -2.46 9.12 -2.41
CA GLY A 15 -2.58 10.08 -1.27
C GLY A 15 -2.36 9.34 0.04
N TYR A 16 -2.29 8.03 0.01
CA TYR A 16 -2.07 7.26 1.26
C TYR A 16 -0.66 7.52 1.81
N ASN A 17 -0.15 6.63 2.62
CA ASN A 17 1.20 6.83 3.18
C ASN A 17 2.00 5.52 3.11
N PHE A 18 1.46 4.45 3.64
CA PHE A 18 2.17 3.16 3.59
C PHE A 18 1.19 1.99 3.61
N GLY A 19 1.60 0.84 3.14
CA GLY A 19 0.68 -0.34 3.13
C GLY A 19 1.51 -1.62 3.17
N LYS A 20 0.93 -2.72 2.77
CA LYS A 20 1.68 -4.01 2.79
C LYS A 20 0.86 -5.11 2.13
N CYS A 21 1.43 -6.29 1.99
CA CYS A 21 0.68 -7.41 1.35
C CYS A 21 -0.21 -8.11 2.39
N VAL A 22 -1.44 -8.36 2.05
CA VAL A 22 -2.36 -9.04 3.02
C VAL A 22 -2.83 -10.37 2.44
N ARG A 23 -2.14 -11.44 2.74
CA ARG A 23 -2.57 -12.77 2.20
C ARG A 23 -2.79 -12.69 0.69
N GLY A 24 -1.75 -12.82 -0.08
CA GLY A 24 -1.91 -12.76 -1.56
C GLY A 24 -2.68 -11.49 -1.94
N SER A 25 -2.66 -10.50 -1.09
CA SER A 25 -3.39 -9.24 -1.40
C SER A 25 -2.50 -8.04 -1.04
N CYS A 26 -3.09 -6.88 -0.90
CA CYS A 26 -2.27 -5.69 -0.55
C CYS A 26 -3.17 -4.53 -0.12
N GLN A 27 -2.94 -3.99 1.05
CA GLN A 27 -3.77 -2.86 1.53
C GLN A 27 -2.88 -1.63 1.77
N CYS A 28 -3.45 -0.54 2.19
CA CYS A 28 -2.62 0.68 2.44
C CYS A 28 -3.25 1.50 3.56
N ARG A 29 -2.47 2.33 4.21
CA ARG A 29 -3.03 3.16 5.32
C ARG A 29 -2.56 4.60 5.19
N ARG A 30 -3.29 5.53 5.76
CA ARG A 30 -2.90 6.96 5.67
C ARG A 30 -2.51 7.49 7.06
N THR A 31 -2.02 8.70 7.13
CA THR A 31 -1.63 9.25 8.46
C THR A 31 -2.86 9.76 9.21
N SER A 32 -3.25 10.98 8.98
CA SER A 32 -4.46 11.52 9.68
C SER A 32 -5.38 12.23 8.69
N GLY A 33 -5.70 11.58 7.60
CA GLY A 33 -6.60 12.21 6.60
C GLY A 33 -5.82 13.26 5.81
N ALA A 1 0.35 -10.07 -9.06
CA ALA A 1 0.55 -10.47 -7.64
C ALA A 1 0.82 -9.23 -6.77
N CYS A 2 0.68 -9.36 -5.48
CA CYS A 2 0.94 -8.20 -4.58
C CYS A 2 2.44 -7.98 -4.40
N ASN A 3 2.83 -6.95 -3.70
CA ASN A 3 4.27 -6.69 -3.49
C ASN A 3 4.47 -5.35 -2.78
N ASP A 4 5.37 -5.30 -1.83
CA ASP A 4 5.60 -4.01 -1.10
C ASP A 4 5.89 -2.89 -2.09
N ARG A 5 6.56 -3.20 -3.18
CA ARG A 5 6.89 -2.14 -4.18
C ARG A 5 5.66 -1.85 -5.05
N ASP A 6 4.93 -2.86 -5.42
CA ASP A 6 3.72 -2.63 -6.27
C ASP A 6 2.51 -2.28 -5.40
N CYS A 7 2.57 -2.57 -4.13
CA CYS A 7 1.43 -2.24 -3.23
C CYS A 7 1.59 -0.81 -2.69
N SER A 8 2.80 -0.34 -2.57
CA SER A 8 3.02 1.03 -2.04
C SER A 8 3.08 2.04 -3.19
N LEU A 9 3.60 1.64 -4.32
CA LEU A 9 3.68 2.58 -5.48
C LEU A 9 2.30 3.12 -5.82
N ASP A 10 1.35 2.26 -6.09
CA ASP A 10 -0.02 2.74 -6.43
C ASP A 10 -0.67 3.41 -5.21
N CYS A 11 -0.44 2.88 -4.04
CA CYS A 11 -1.04 3.49 -2.83
C CYS A 11 -0.42 4.86 -2.56
N ILE A 12 0.88 4.96 -2.65
CA ILE A 12 1.55 6.27 -2.40
C ILE A 12 1.10 7.29 -3.45
N MET A 13 0.99 6.88 -4.69
CA MET A 13 0.55 7.83 -5.75
C MET A 13 -0.92 8.21 -5.55
N LYS A 14 -1.71 7.28 -5.08
CA LYS A 14 -3.15 7.58 -4.86
C LYS A 14 -3.30 8.63 -3.76
N GLY A 15 -2.79 8.35 -2.59
CA GLY A 15 -2.91 9.33 -1.46
C GLY A 15 -2.69 8.60 -0.13
N TYR A 16 -1.81 7.64 -0.10
CA TYR A 16 -1.55 6.91 1.17
C TYR A 16 -0.14 7.20 1.68
N ASN A 17 0.28 6.52 2.72
CA ASN A 17 1.64 6.76 3.26
C ASN A 17 2.44 5.45 3.25
N PHE A 18 1.79 4.35 3.48
CA PHE A 18 2.50 3.04 3.47
C PHE A 18 1.49 1.89 3.38
N GLY A 19 1.91 0.76 2.86
CA GLY A 19 0.97 -0.40 2.76
C GLY A 19 1.78 -1.69 2.73
N LYS A 20 1.17 -2.77 2.29
CA LYS A 20 1.91 -4.07 2.24
C LYS A 20 0.99 -5.18 1.74
N CYS A 21 1.54 -6.30 1.37
CA CYS A 21 0.70 -7.42 0.87
C CYS A 21 0.13 -8.21 2.06
N VAL A 22 -1.06 -8.73 1.94
CA VAL A 22 -1.65 -9.51 3.05
C VAL A 22 -2.37 -10.75 2.52
N ARG A 23 -2.04 -11.90 3.02
CA ARG A 23 -2.71 -13.15 2.53
C ARG A 23 -2.85 -13.12 1.02
N GLY A 24 -1.86 -12.63 0.32
CA GLY A 24 -1.94 -12.56 -1.17
C GLY A 24 -2.77 -11.34 -1.58
N SER A 25 -2.73 -10.30 -0.79
CA SER A 25 -3.51 -9.08 -1.13
C SER A 25 -2.61 -7.85 -1.10
N CYS A 26 -3.19 -6.68 -1.07
CA CYS A 26 -2.37 -5.44 -1.04
C CYS A 26 -3.14 -4.31 -0.34
N GLN A 27 -2.89 -4.10 0.92
CA GLN A 27 -3.62 -3.02 1.65
C GLN A 27 -2.69 -1.82 1.91
N CYS A 28 -3.25 -0.69 2.24
CA CYS A 28 -2.41 0.51 2.52
C CYS A 28 -3.09 1.40 3.56
N ARG A 29 -2.36 2.29 4.17
CA ARG A 29 -2.98 3.17 5.20
C ARG A 29 -2.75 4.64 4.82
N ARG A 30 -3.49 5.53 5.44
CA ARG A 30 -3.31 6.98 5.13
C ARG A 30 -2.89 7.74 6.39
N THR A 31 -2.32 8.90 6.23
CA THR A 31 -1.89 9.69 7.43
C THR A 31 -3.10 10.35 8.09
N SER A 32 -2.87 11.17 9.07
CA SER A 32 -4.01 11.84 9.76
C SER A 32 -4.28 13.21 9.13
N GLY A 33 -5.06 13.25 8.08
CA GLY A 33 -5.35 14.55 7.42
C GLY A 33 -4.04 15.29 7.11
N ALA A 1 0.19 -11.69 -7.25
CA ALA A 1 1.42 -10.86 -7.39
C ALA A 1 1.27 -9.55 -6.63
N CYS A 2 1.25 -9.61 -5.33
CA CYS A 2 1.12 -8.37 -4.52
C CYS A 2 2.48 -7.89 -4.02
N ASN A 3 3.45 -7.83 -4.89
CA ASN A 3 4.81 -7.39 -4.47
C ASN A 3 4.70 -6.17 -3.55
N ASP A 4 5.62 -6.02 -2.64
CA ASP A 4 5.57 -4.85 -1.71
C ASP A 4 5.83 -3.55 -2.48
N ARG A 5 6.66 -3.60 -3.49
CA ARG A 5 6.96 -2.37 -4.27
C ARG A 5 5.75 -1.98 -5.13
N ASP A 6 5.11 -2.94 -5.73
CA ASP A 6 3.92 -2.63 -6.58
C ASP A 6 2.68 -2.41 -5.69
N CYS A 7 2.85 -2.47 -4.40
CA CYS A 7 1.69 -2.28 -3.50
C CYS A 7 1.79 -0.92 -2.78
N SER A 8 2.98 -0.45 -2.56
CA SER A 8 3.14 0.86 -1.87
C SER A 8 3.27 1.99 -2.90
N LEU A 9 4.04 1.78 -3.94
CA LEU A 9 4.21 2.83 -4.97
C LEU A 9 2.84 3.24 -5.54
N ASP A 10 2.04 2.29 -5.93
CA ASP A 10 0.70 2.64 -6.49
C ASP A 10 -0.17 3.31 -5.42
N CYS A 11 -0.20 2.76 -4.24
CA CYS A 11 -1.03 3.38 -3.16
C CYS A 11 -0.48 4.74 -2.78
N ILE A 12 0.82 4.92 -2.86
CA ILE A 12 1.40 6.24 -2.50
C ILE A 12 0.90 7.30 -3.48
N MET A 13 0.79 6.95 -4.73
CA MET A 13 0.28 7.94 -5.73
C MET A 13 -1.21 8.17 -5.51
N LYS A 14 -1.89 7.18 -4.97
CA LYS A 14 -3.35 7.33 -4.72
C LYS A 14 -3.60 8.44 -3.69
N GLY A 15 -2.72 8.58 -2.73
CA GLY A 15 -2.90 9.65 -1.70
C GLY A 15 -2.68 9.08 -0.29
N TYR A 16 -2.35 7.81 -0.19
CA TYR A 16 -2.13 7.22 1.16
C TYR A 16 -0.69 7.46 1.61
N ASN A 17 -0.26 6.79 2.65
CA ASN A 17 1.13 6.97 3.14
C ASN A 17 1.93 5.69 2.92
N PHE A 18 1.54 4.62 3.54
CA PHE A 18 2.27 3.34 3.37
C PHE A 18 1.30 2.16 3.37
N GLY A 19 1.63 1.09 2.70
CA GLY A 19 0.72 -0.08 2.66
C GLY A 19 1.54 -1.37 2.52
N LYS A 20 0.91 -2.45 2.16
CA LYS A 20 1.66 -3.73 2.00
C LYS A 20 0.71 -4.84 1.55
N CYS A 21 1.22 -6.02 1.35
CA CYS A 21 0.35 -7.14 0.90
C CYS A 21 -0.33 -7.79 2.10
N VAL A 22 -1.49 -8.37 1.91
CA VAL A 22 -2.20 -9.02 3.05
C VAL A 22 -2.56 -10.47 2.70
N ARG A 23 -1.59 -11.33 2.61
CA ARG A 23 -1.88 -12.75 2.27
C ARG A 23 -2.42 -12.86 0.85
N GLY A 24 -1.77 -12.27 -0.10
CA GLY A 24 -2.25 -12.35 -1.51
C GLY A 24 -3.11 -11.12 -1.82
N SER A 25 -3.01 -10.10 -1.03
CA SER A 25 -3.82 -8.87 -1.29
C SER A 25 -2.94 -7.62 -1.18
N CYS A 26 -3.54 -6.47 -1.11
CA CYS A 26 -2.74 -5.22 -1.00
C CYS A 26 -3.50 -4.16 -0.18
N GLN A 27 -3.09 -3.94 1.04
CA GLN A 27 -3.79 -2.92 1.88
C GLN A 27 -2.94 -1.66 2.01
N CYS A 28 -3.42 -0.68 2.71
CA CYS A 28 -2.65 0.58 2.88
C CYS A 28 -3.02 1.25 4.20
N ARG A 29 -2.23 2.19 4.66
CA ARG A 29 -2.56 2.87 5.94
C ARG A 29 -2.19 4.35 5.87
N ARG A 30 -3.08 5.21 6.29
CA ARG A 30 -2.79 6.67 6.25
C ARG A 30 -2.64 7.22 7.67
N THR A 31 -2.13 8.42 7.80
CA THR A 31 -1.96 9.01 9.16
C THR A 31 -3.17 9.89 9.50
N SER A 32 -3.53 9.96 10.75
CA SER A 32 -4.69 10.80 11.14
C SER A 32 -4.31 11.73 12.31
N GLY A 33 -5.25 12.12 13.11
CA GLY A 33 -4.95 13.02 14.25
C GLY A 33 -6.23 13.74 14.69
N ALA A 1 2.23 -13.01 -5.47
CA ALA A 1 1.11 -12.33 -6.18
C ALA A 1 1.23 -10.81 -6.05
N CYS A 2 1.08 -10.31 -4.85
CA CYS A 2 1.19 -8.83 -4.64
C CYS A 2 2.63 -8.44 -4.34
N ASN A 3 3.18 -7.52 -5.07
CA ASN A 3 4.58 -7.09 -4.83
C ASN A 3 4.62 -5.98 -3.78
N ASP A 4 5.64 -5.95 -2.97
CA ASP A 4 5.73 -4.88 -1.92
C ASP A 4 5.99 -3.52 -2.58
N ARG A 5 6.84 -3.46 -3.57
CA ARG A 5 7.12 -2.17 -4.25
C ARG A 5 5.93 -1.75 -5.11
N ASP A 6 5.24 -2.70 -5.69
CA ASP A 6 4.07 -2.36 -6.54
C ASP A 6 2.86 -2.04 -5.66
N CYS A 7 2.96 -2.32 -4.39
CA CYS A 7 1.83 -2.03 -3.47
C CYS A 7 2.03 -0.65 -2.83
N SER A 8 3.24 -0.35 -2.43
CA SER A 8 3.50 0.97 -1.81
C SER A 8 3.32 2.09 -2.84
N LEU A 9 3.73 1.83 -4.06
CA LEU A 9 3.59 2.87 -5.12
C LEU A 9 2.10 3.13 -5.41
N ASP A 10 1.26 2.16 -5.16
CA ASP A 10 -0.19 2.34 -5.43
C ASP A 10 -0.83 3.23 -4.36
N CYS A 11 -0.55 2.97 -3.11
CA CYS A 11 -1.14 3.79 -2.02
C CYS A 11 -0.58 5.22 -2.07
N ILE A 12 0.70 5.35 -2.25
CA ILE A 12 1.30 6.72 -2.29
C ILE A 12 0.75 7.51 -3.49
N MET A 13 0.56 6.86 -4.60
CA MET A 13 0.02 7.57 -5.79
C MET A 13 -1.41 8.06 -5.52
N LYS A 14 -2.24 7.20 -5.00
CA LYS A 14 -3.64 7.61 -4.71
C LYS A 14 -3.67 8.74 -3.68
N GLY A 15 -2.74 8.76 -2.78
CA GLY A 15 -2.72 9.83 -1.74
C GLY A 15 -2.32 9.24 -0.39
N TYR A 16 -2.22 7.94 -0.29
CA TYR A 16 -1.84 7.32 1.00
C TYR A 16 -0.34 7.47 1.24
N ASN A 17 0.19 6.83 2.25
CA ASN A 17 1.64 6.95 2.53
C ASN A 17 2.33 5.58 2.41
N PHE A 18 1.71 4.55 2.93
CA PHE A 18 2.35 3.20 2.85
C PHE A 18 1.29 2.11 3.04
N GLY A 19 1.57 0.92 2.57
CA GLY A 19 0.59 -0.20 2.73
C GLY A 19 1.35 -1.51 2.97
N LYS A 20 0.80 -2.60 2.52
CA LYS A 20 1.50 -3.92 2.72
C LYS A 20 0.72 -5.03 2.04
N CYS A 21 1.31 -6.20 1.93
CA CYS A 21 0.60 -7.33 1.27
C CYS A 21 -0.25 -8.10 2.29
N VAL A 22 -1.41 -8.55 1.89
CA VAL A 22 -2.28 -9.30 2.84
C VAL A 22 -2.80 -10.59 2.18
N ARG A 23 -1.96 -11.59 2.09
CA ARG A 23 -2.39 -12.87 1.45
C ARG A 23 -2.82 -12.63 0.01
N GLY A 24 -1.87 -12.48 -0.88
CA GLY A 24 -2.21 -12.24 -2.31
C GLY A 24 -2.99 -10.92 -2.44
N SER A 25 -3.00 -10.13 -1.41
CA SER A 25 -3.72 -8.82 -1.47
C SER A 25 -2.82 -7.70 -0.97
N CYS A 26 -3.29 -6.48 -1.04
CA CYS A 26 -2.45 -5.34 -0.56
C CYS A 26 -3.34 -4.17 -0.13
N GLN A 27 -3.08 -3.61 1.01
CA GLN A 27 -3.92 -2.48 1.50
C GLN A 27 -3.06 -1.23 1.70
N CYS A 28 -3.67 -0.12 2.02
CA CYS A 28 -2.88 1.13 2.24
C CYS A 28 -3.22 1.74 3.60
N ARG A 29 -2.26 2.32 4.26
CA ARG A 29 -2.53 2.93 5.60
C ARG A 29 -2.16 4.41 5.58
N ARG A 30 -2.86 5.21 6.35
CA ARG A 30 -2.54 6.67 6.38
C ARG A 30 -1.66 7.00 7.59
N THR A 31 -1.28 8.23 7.75
CA THR A 31 -0.43 8.60 8.92
C THR A 31 -1.19 9.58 9.83
N SER A 32 -2.20 10.22 9.32
CA SER A 32 -2.98 11.18 10.16
C SER A 32 -4.33 10.57 10.55
N GLY A 33 -4.80 10.84 11.74
CA GLY A 33 -6.10 10.27 12.18
C GLY A 33 -7.22 11.28 11.88
N ALA A 1 0.75 -13.46 -7.34
CA ALA A 1 1.01 -13.02 -5.94
C ALA A 1 1.08 -11.49 -5.86
N CYS A 2 0.92 -10.94 -4.69
CA CYS A 2 0.98 -9.45 -4.56
C CYS A 2 2.44 -8.99 -4.38
N ASN A 3 2.73 -7.78 -4.77
CA ASN A 3 4.12 -7.27 -4.62
C ASN A 3 4.16 -6.08 -3.68
N ASP A 4 5.07 -6.06 -2.75
CA ASP A 4 5.15 -4.91 -1.79
C ASP A 4 5.43 -3.61 -2.55
N ARG A 5 6.13 -3.70 -3.65
CA ARG A 5 6.43 -2.46 -4.43
C ARG A 5 5.15 -1.96 -5.12
N ASP A 6 4.25 -2.84 -5.46
CA ASP A 6 3.00 -2.43 -6.14
C ASP A 6 2.02 -1.87 -5.10
N CYS A 7 2.26 -2.11 -3.84
CA CYS A 7 1.34 -1.59 -2.80
C CYS A 7 1.88 -0.28 -2.23
N SER A 8 3.17 -0.07 -2.31
CA SER A 8 3.75 1.19 -1.77
C SER A 8 3.61 2.31 -2.80
N LEU A 9 3.89 2.02 -4.05
CA LEU A 9 3.77 3.08 -5.10
C LEU A 9 2.32 3.56 -5.20
N ASP A 10 1.39 2.65 -5.30
CA ASP A 10 -0.04 3.05 -5.40
C ASP A 10 -0.45 3.80 -4.12
N CYS A 11 0.20 3.49 -3.03
CA CYS A 11 -0.14 4.20 -1.76
C CYS A 11 0.24 5.67 -1.86
N ILE A 12 1.41 5.96 -2.36
CA ILE A 12 1.84 7.38 -2.49
C ILE A 12 1.12 8.04 -3.66
N MET A 13 0.85 7.30 -4.71
CA MET A 13 0.16 7.88 -5.88
C MET A 13 -1.30 8.23 -5.52
N LYS A 14 -2.02 7.29 -5.00
CA LYS A 14 -3.44 7.57 -4.64
C LYS A 14 -3.52 8.67 -3.58
N GLY A 15 -2.51 8.79 -2.75
CA GLY A 15 -2.53 9.85 -1.71
C GLY A 15 -2.40 9.22 -0.32
N TYR A 16 -2.01 7.97 -0.26
CA TYR A 16 -1.86 7.29 1.06
C TYR A 16 -0.43 7.43 1.56
N ASN A 17 -0.13 6.89 2.71
CA ASN A 17 1.26 7.00 3.25
C ASN A 17 2.02 5.69 3.02
N PHE A 18 1.46 4.59 3.42
CA PHE A 18 2.17 3.29 3.23
C PHE A 18 1.16 2.15 2.99
N GLY A 19 1.62 1.05 2.47
CA GLY A 19 0.69 -0.09 2.21
C GLY A 19 1.36 -1.40 2.62
N LYS A 20 0.77 -2.51 2.28
CA LYS A 20 1.37 -3.82 2.65
C LYS A 20 0.64 -4.97 1.95
N CYS A 21 1.22 -6.14 1.92
CA CYS A 21 0.54 -7.29 1.25
C CYS A 21 -0.31 -8.05 2.26
N VAL A 22 -1.49 -8.45 1.87
CA VAL A 22 -2.37 -9.20 2.82
C VAL A 22 -2.50 -10.66 2.37
N ARG A 23 -1.49 -11.45 2.59
CA ARG A 23 -1.56 -12.89 2.18
C ARG A 23 -1.91 -12.99 0.68
N GLY A 24 -1.14 -12.34 -0.16
CA GLY A 24 -1.43 -12.40 -1.62
C GLY A 24 -2.31 -11.22 -2.02
N SER A 25 -2.40 -10.23 -1.18
CA SER A 25 -3.25 -9.05 -1.53
C SER A 25 -2.44 -7.75 -1.38
N CYS A 26 -3.08 -6.62 -1.57
CA CYS A 26 -2.34 -5.33 -1.44
C CYS A 26 -3.25 -4.27 -0.82
N GLN A 27 -2.93 -3.82 0.37
CA GLN A 27 -3.78 -2.78 1.02
C GLN A 27 -2.96 -1.50 1.24
N CYS A 28 -3.63 -0.38 1.38
CA CYS A 28 -2.89 0.90 1.60
C CYS A 28 -3.38 1.58 2.87
N ARG A 29 -2.49 2.02 3.70
CA ARG A 29 -2.90 2.70 4.97
C ARG A 29 -2.31 4.11 5.04
N ARG A 30 -2.83 4.93 5.90
CA ARG A 30 -2.30 6.33 6.03
C ARG A 30 -1.67 6.52 7.41
N THR A 31 -1.19 7.70 7.69
CA THR A 31 -0.57 7.96 9.02
C THR A 31 -1.38 9.01 9.79
N SER A 32 -1.67 8.75 11.03
CA SER A 32 -2.46 9.73 11.84
C SER A 32 -1.80 9.93 13.21
N GLY A 33 -2.10 9.08 14.15
CA GLY A 33 -1.51 9.22 15.50
C GLY A 33 -2.02 8.09 16.41
N ALA A 1 2.62 -13.46 -4.95
CA ALA A 1 2.89 -12.22 -4.16
C ALA A 1 2.25 -11.01 -4.86
N CYS A 2 1.72 -10.09 -4.10
CA CYS A 2 1.08 -8.89 -4.71
C CYS A 2 2.15 -7.88 -5.12
N ASN A 3 3.40 -8.20 -4.93
CA ASN A 3 4.49 -7.25 -5.30
C ASN A 3 4.40 -5.99 -4.44
N ASP A 4 5.12 -5.95 -3.36
CA ASP A 4 5.09 -4.76 -2.47
C ASP A 4 5.49 -3.50 -3.25
N ARG A 5 6.41 -3.63 -4.17
CA ARG A 5 6.83 -2.45 -4.97
C ARG A 5 5.66 -1.91 -5.78
N ASP A 6 5.06 -2.73 -6.61
CA ASP A 6 3.91 -2.26 -7.43
C ASP A 6 2.63 -2.26 -6.59
N CYS A 7 2.75 -2.52 -5.32
CA CYS A 7 1.53 -2.53 -4.45
C CYS A 7 1.51 -1.29 -3.55
N SER A 8 2.67 -0.83 -3.14
CA SER A 8 2.71 0.37 -2.25
C SER A 8 2.91 1.64 -3.09
N LEU A 9 3.77 1.59 -4.07
CA LEU A 9 4.01 2.80 -4.91
C LEU A 9 2.69 3.34 -5.46
N ASP A 10 1.88 2.48 -6.04
CA ASP A 10 0.57 2.94 -6.58
C ASP A 10 -0.30 3.50 -5.47
N CYS A 11 -0.41 2.79 -4.37
CA CYS A 11 -1.26 3.27 -3.25
C CYS A 11 -0.66 4.54 -2.64
N ILE A 12 0.64 4.60 -2.52
CA ILE A 12 1.29 5.81 -1.94
C ILE A 12 1.04 7.02 -2.84
N MET A 13 0.98 6.81 -4.13
CA MET A 13 0.74 7.96 -5.05
C MET A 13 -0.72 8.41 -4.98
N LYS A 14 -1.62 7.49 -4.69
CA LYS A 14 -3.05 7.86 -4.59
C LYS A 14 -3.26 8.92 -3.52
N GLY A 15 -2.46 8.92 -2.49
CA GLY A 15 -2.61 9.93 -1.41
C GLY A 15 -2.40 9.28 -0.04
N TYR A 16 -2.25 7.98 -0.01
CA TYR A 16 -2.04 7.29 1.29
C TYR A 16 -0.60 7.47 1.76
N ASN A 17 -0.28 6.97 2.92
CA ASN A 17 1.12 7.12 3.43
C ASN A 17 1.89 5.81 3.25
N PHE A 18 1.43 4.74 3.84
CA PHE A 18 2.14 3.45 3.70
C PHE A 18 1.14 2.30 3.56
N GLY A 19 1.58 1.18 3.07
CA GLY A 19 0.65 0.02 2.90
C GLY A 19 1.42 -1.29 3.10
N LYS A 20 0.88 -2.38 2.63
CA LYS A 20 1.59 -3.69 2.78
C LYS A 20 0.79 -4.80 2.10
N CYS A 21 1.36 -5.97 1.99
CA CYS A 21 0.64 -7.09 1.32
C CYS A 21 -0.10 -7.94 2.36
N VAL A 22 -1.13 -8.61 1.97
CA VAL A 22 -1.90 -9.45 2.93
C VAL A 22 -2.52 -10.66 2.21
N ARG A 23 -1.85 -11.77 2.22
CA ARG A 23 -2.38 -12.98 1.54
C ARG A 23 -2.81 -12.63 0.11
N GLY A 24 -1.87 -12.30 -0.73
CA GLY A 24 -2.22 -11.95 -2.14
C GLY A 24 -3.14 -10.74 -2.15
N SER A 25 -2.92 -9.80 -1.28
CA SER A 25 -3.79 -8.59 -1.25
C SER A 25 -2.94 -7.32 -1.12
N CYS A 26 -3.54 -6.18 -1.27
CA CYS A 26 -2.77 -4.90 -1.15
C CYS A 26 -3.52 -3.90 -0.28
N GLN A 27 -3.12 -3.74 0.95
CA GLN A 27 -3.82 -2.78 1.85
C GLN A 27 -2.97 -1.53 2.04
N CYS A 28 -3.58 -0.47 2.54
CA CYS A 28 -2.81 0.80 2.75
C CYS A 28 -3.31 1.52 4.00
N ARG A 29 -2.51 2.37 4.56
CA ARG A 29 -2.94 3.11 5.79
C ARG A 29 -2.49 4.57 5.70
N ARG A 30 -3.24 5.47 6.28
CA ARG A 30 -2.87 6.91 6.24
C ARG A 30 -2.39 7.38 7.61
N THR A 31 -2.60 8.63 7.92
CA THR A 31 -2.17 9.15 9.25
C THR A 31 -3.38 9.40 10.15
N SER A 32 -3.17 9.97 11.31
CA SER A 32 -4.31 10.24 12.22
C SER A 32 -4.41 11.74 12.53
N GLY A 33 -4.54 12.56 11.52
CA GLY A 33 -4.63 14.03 11.75
C GLY A 33 -4.70 14.75 10.41
N ALA A 1 3.07 -12.24 -6.54
CA ALA A 1 1.61 -11.97 -6.68
C ALA A 1 1.33 -10.48 -6.52
N CYS A 2 1.17 -10.02 -5.31
CA CYS A 2 0.89 -8.58 -5.09
C CYS A 2 2.19 -7.77 -5.15
N ASN A 3 3.29 -8.39 -4.79
CA ASN A 3 4.59 -7.65 -4.82
C ASN A 3 4.54 -6.43 -3.90
N ASP A 4 5.45 -6.35 -2.97
CA ASP A 4 5.44 -5.18 -2.03
C ASP A 4 5.76 -3.90 -2.80
N ARG A 5 6.51 -3.98 -3.86
CA ARG A 5 6.85 -2.77 -4.64
C ARG A 5 5.60 -2.21 -5.33
N ASP A 6 4.81 -3.06 -5.92
CA ASP A 6 3.58 -2.57 -6.61
C ASP A 6 2.48 -2.32 -5.59
N CYS A 7 2.62 -2.86 -4.41
CA CYS A 7 1.58 -2.65 -3.36
C CYS A 7 1.81 -1.30 -2.65
N SER A 8 3.04 -0.91 -2.51
CA SER A 8 3.33 0.39 -1.83
C SER A 8 3.13 1.55 -2.80
N LEU A 9 3.72 1.47 -3.97
CA LEU A 9 3.58 2.57 -4.96
C LEU A 9 2.09 2.83 -5.24
N ASP A 10 1.26 1.85 -4.99
CA ASP A 10 -0.20 2.04 -5.25
C ASP A 10 -0.81 2.94 -4.18
N CYS A 11 -0.51 2.68 -2.92
CA CYS A 11 -1.08 3.52 -1.83
C CYS A 11 -0.49 4.93 -1.91
N ILE A 12 0.79 5.05 -2.11
CA ILE A 12 1.42 6.40 -2.19
C ILE A 12 0.88 7.15 -3.41
N MET A 13 0.52 6.45 -4.44
CA MET A 13 -0.03 7.12 -5.66
C MET A 13 -1.46 7.59 -5.40
N LYS A 14 -2.17 6.91 -4.54
CA LYS A 14 -3.58 7.32 -4.25
C LYS A 14 -3.60 8.44 -3.22
N GLY A 15 -2.53 8.63 -2.50
CA GLY A 15 -2.49 9.72 -1.48
C GLY A 15 -2.30 9.11 -0.08
N TYR A 16 -2.03 7.84 -0.01
CA TYR A 16 -1.83 7.19 1.32
C TYR A 16 -0.40 7.41 1.80
N ASN A 17 -0.03 6.78 2.88
CA ASN A 17 1.36 6.95 3.40
C ASN A 17 1.97 5.59 3.74
N PHE A 18 1.24 4.52 3.54
CA PHE A 18 1.79 3.18 3.86
C PHE A 18 1.35 2.15 2.80
N GLY A 19 2.02 1.04 2.74
CA GLY A 19 1.65 0.00 1.74
C GLY A 19 2.15 -1.37 2.22
N LYS A 20 1.25 -2.31 2.38
CA LYS A 20 1.68 -3.66 2.85
C LYS A 20 1.01 -4.75 2.01
N CYS A 21 1.67 -5.87 1.85
CA CYS A 21 1.08 -6.98 1.04
C CYS A 21 0.59 -8.10 1.98
N VAL A 22 -0.64 -8.49 1.85
CA VAL A 22 -1.18 -9.57 2.72
C VAL A 22 -2.19 -10.43 1.96
N ARG A 23 -2.15 -11.72 2.14
CA ARG A 23 -3.11 -12.61 1.43
C ARG A 23 -3.16 -12.25 -0.06
N GLY A 24 -2.03 -12.21 -0.71
CA GLY A 24 -2.02 -11.86 -2.16
C GLY A 24 -2.78 -10.55 -2.39
N SER A 25 -2.79 -9.69 -1.41
CA SER A 25 -3.52 -8.40 -1.57
C SER A 25 -2.62 -7.23 -1.15
N CYS A 26 -3.18 -6.05 -1.06
CA CYS A 26 -2.35 -4.87 -0.66
C CYS A 26 -3.18 -3.94 0.23
N GLN A 27 -2.58 -3.37 1.24
CA GLN A 27 -3.33 -2.45 2.13
C GLN A 27 -2.69 -1.05 2.14
N CYS A 28 -3.51 -0.02 2.17
CA CYS A 28 -2.95 1.36 2.19
C CYS A 28 -3.48 2.12 3.40
N ARG A 29 -2.73 3.06 3.91
CA ARG A 29 -3.19 3.83 5.10
C ARG A 29 -2.90 5.32 4.91
N ARG A 30 -3.58 6.16 5.66
CA ARG A 30 -3.33 7.63 5.52
C ARG A 30 -2.84 8.21 6.86
N THR A 31 -2.45 9.45 6.87
CA THR A 31 -1.96 10.07 8.14
C THR A 31 -3.14 10.43 9.04
N SER A 32 -3.01 10.24 10.32
CA SER A 32 -4.13 10.57 11.24
C SER A 32 -3.58 10.86 12.65
N GLY A 33 -2.60 10.11 13.07
CA GLY A 33 -2.03 10.33 14.43
C GLY A 33 -0.52 10.58 14.32
N ALA A 1 0.95 -9.87 -9.14
CA ALA A 1 1.44 -10.34 -7.81
C ALA A 1 1.38 -9.21 -6.80
N CYS A 2 1.53 -9.52 -5.54
CA CYS A 2 1.48 -8.46 -4.49
C CYS A 2 2.90 -8.07 -4.07
N ASN A 3 3.60 -7.36 -4.91
CA ASN A 3 4.99 -6.94 -4.55
C ASN A 3 4.96 -5.75 -3.60
N ASP A 4 5.75 -5.79 -2.55
CA ASP A 4 5.76 -4.65 -1.58
C ASP A 4 6.11 -3.35 -2.32
N ARG A 5 7.05 -3.39 -3.22
CA ARG A 5 7.43 -2.16 -3.96
C ARG A 5 6.24 -1.64 -4.77
N ASP A 6 5.52 -2.53 -5.41
CA ASP A 6 4.34 -2.09 -6.20
C ASP A 6 3.15 -1.84 -5.27
N CYS A 7 3.22 -2.34 -4.06
CA CYS A 7 2.10 -2.14 -3.10
C CYS A 7 2.19 -0.73 -2.52
N SER A 8 3.37 -0.22 -2.34
CA SER A 8 3.52 1.16 -1.78
C SER A 8 3.33 2.21 -2.88
N LEU A 9 3.91 1.99 -4.03
CA LEU A 9 3.75 2.97 -5.13
C LEU A 9 2.27 3.21 -5.43
N ASP A 10 1.50 2.16 -5.54
CA ASP A 10 0.05 2.32 -5.82
C ASP A 10 -0.63 3.06 -4.66
N CYS A 11 -0.24 2.79 -3.45
CA CYS A 11 -0.85 3.48 -2.29
C CYS A 11 -0.52 4.98 -2.33
N ILE A 12 0.69 5.31 -2.67
CA ILE A 12 1.08 6.76 -2.72
C ILE A 12 0.27 7.46 -3.81
N MET A 13 -0.01 6.78 -4.89
CA MET A 13 -0.80 7.42 -5.99
C MET A 13 -2.25 7.60 -5.55
N LYS A 14 -2.72 6.75 -4.67
CA LYS A 14 -4.13 6.87 -4.20
C LYS A 14 -4.24 7.98 -3.15
N GLY A 15 -3.16 8.29 -2.50
CA GLY A 15 -3.20 9.38 -1.47
C GLY A 15 -2.69 8.84 -0.14
N TYR A 16 -2.37 7.57 -0.08
CA TYR A 16 -1.86 7.00 1.20
C TYR A 16 -0.35 7.17 1.31
N ASN A 17 0.26 6.64 2.32
CA ASN A 17 1.74 6.77 2.48
C ASN A 17 2.43 5.43 2.23
N PHE A 18 2.03 4.41 2.93
CA PHE A 18 2.67 3.07 2.73
C PHE A 18 1.60 1.99 2.53
N GLY A 19 2.00 0.82 2.14
CA GLY A 19 1.02 -0.28 1.92
C GLY A 19 1.59 -1.59 2.45
N LYS A 20 0.87 -2.68 2.32
CA LYS A 20 1.39 -3.98 2.80
C LYS A 20 0.56 -5.13 2.21
N CYS A 21 1.11 -6.32 2.22
CA CYS A 21 0.36 -7.49 1.65
C CYS A 21 -0.43 -8.19 2.76
N VAL A 22 -1.63 -8.64 2.45
CA VAL A 22 -2.45 -9.34 3.47
C VAL A 22 -3.32 -10.41 2.80
N ARG A 23 -3.21 -11.64 3.23
CA ARG A 23 -4.03 -12.72 2.63
C ARG A 23 -3.80 -12.77 1.12
N GLY A 24 -2.59 -12.50 0.68
CA GLY A 24 -2.31 -12.52 -0.79
C GLY A 24 -2.94 -11.29 -1.45
N SER A 25 -3.06 -10.22 -0.73
CA SER A 25 -3.67 -8.99 -1.32
C SER A 25 -2.77 -7.77 -1.07
N CYS A 26 -3.24 -6.60 -1.38
CA CYS A 26 -2.40 -5.38 -1.15
C CYS A 26 -3.28 -4.23 -0.66
N GLN A 27 -2.98 -3.69 0.49
CA GLN A 27 -3.80 -2.57 1.03
C GLN A 27 -2.93 -1.32 1.24
N CYS A 28 -3.53 -0.22 1.60
CA CYS A 28 -2.75 1.02 1.82
C CYS A 28 -3.02 1.57 3.23
N ARG A 29 -2.06 2.23 3.81
CA ARG A 29 -2.26 2.78 5.18
C ARG A 29 -1.70 4.20 5.26
N ARG A 30 -2.32 5.05 6.04
CA ARG A 30 -1.82 6.46 6.16
C ARG A 30 -0.94 6.59 7.41
N THR A 31 -0.22 7.67 7.51
CA THR A 31 0.67 7.87 8.70
C THR A 31 -0.15 8.36 9.89
N SER A 32 0.43 8.37 11.06
CA SER A 32 -0.32 8.83 12.27
C SER A 32 0.54 9.82 13.07
N GLY A 33 -0.03 10.93 13.46
CA GLY A 33 0.76 11.93 14.24
C GLY A 33 -0.19 12.84 15.01
N ALA A 1 1.31 -13.43 -4.64
CA ALA A 1 1.10 -12.83 -5.99
C ALA A 1 1.06 -11.30 -5.88
N CYS A 2 1.02 -10.78 -4.69
CA CYS A 2 0.98 -9.30 -4.52
C CYS A 2 2.39 -8.74 -4.35
N ASN A 3 2.71 -7.69 -5.06
CA ASN A 3 4.07 -7.10 -4.95
C ASN A 3 4.04 -5.86 -4.04
N ASP A 4 4.86 -5.85 -3.01
CA ASP A 4 4.88 -4.68 -2.10
C ASP A 4 5.39 -3.43 -2.83
N ARG A 5 6.32 -3.60 -3.73
CA ARG A 5 6.85 -2.43 -4.48
C ARG A 5 5.74 -1.76 -5.28
N ASP A 6 5.05 -2.50 -6.10
CA ASP A 6 3.95 -1.90 -6.91
C ASP A 6 2.69 -1.76 -6.05
N CYS A 7 2.78 -2.12 -4.80
CA CYS A 7 1.59 -2.00 -3.91
C CYS A 7 1.64 -0.68 -3.14
N SER A 8 2.79 -0.28 -2.69
CA SER A 8 2.91 1.00 -1.94
C SER A 8 3.11 2.16 -2.91
N LEU A 9 3.82 1.94 -3.97
CA LEU A 9 4.04 3.03 -4.97
C LEU A 9 2.70 3.61 -5.43
N ASP A 10 1.78 2.76 -5.78
CA ASP A 10 0.45 3.26 -6.24
C ASP A 10 -0.27 3.97 -5.09
N CYS A 11 -0.10 3.50 -3.89
CA CYS A 11 -0.78 4.15 -2.73
C CYS A 11 -0.15 5.52 -2.45
N ILE A 12 1.15 5.62 -2.57
CA ILE A 12 1.81 6.93 -2.32
C ILE A 12 1.34 7.95 -3.35
N MET A 13 1.11 7.53 -4.56
CA MET A 13 0.64 8.48 -5.61
C MET A 13 -0.85 8.76 -5.41
N LYS A 14 -1.57 7.82 -4.84
CA LYS A 14 -3.02 8.03 -4.62
C LYS A 14 -3.24 9.10 -3.55
N GLY A 15 -2.31 9.25 -2.64
CA GLY A 15 -2.46 10.26 -1.56
C GLY A 15 -2.39 9.58 -0.19
N TYR A 16 -2.02 8.33 -0.16
CA TYR A 16 -1.94 7.62 1.15
C TYR A 16 -0.51 7.71 1.72
N ASN A 17 -0.18 6.86 2.65
CA ASN A 17 1.18 6.90 3.24
C ASN A 17 1.92 5.58 3.00
N PHE A 18 1.29 4.48 3.34
CA PHE A 18 1.95 3.16 3.13
C PHE A 18 0.90 2.04 3.16
N GLY A 19 1.20 0.92 2.56
CA GLY A 19 0.21 -0.21 2.56
C GLY A 19 0.89 -1.49 3.05
N LYS A 20 0.44 -2.61 2.58
CA LYS A 20 1.07 -3.90 3.02
C LYS A 20 0.46 -5.07 2.24
N CYS A 21 1.20 -6.14 2.08
CA CYS A 21 0.65 -7.31 1.33
C CYS A 21 -0.04 -8.28 2.30
N VAL A 22 -1.24 -8.68 2.00
CA VAL A 22 -1.97 -9.62 2.89
C VAL A 22 -2.09 -11.00 2.22
N ARG A 23 -1.22 -11.91 2.56
CA ARG A 23 -1.28 -13.27 1.94
C ARG A 23 -1.13 -13.16 0.42
N GLY A 24 -2.20 -12.90 -0.27
CA GLY A 24 -2.11 -12.79 -1.75
C GLY A 24 -2.72 -11.45 -2.20
N SER A 25 -2.91 -10.54 -1.28
CA SER A 25 -3.49 -9.22 -1.64
C SER A 25 -2.63 -8.09 -1.06
N CYS A 26 -3.17 -6.90 -1.00
CA CYS A 26 -2.39 -5.76 -0.44
C CYS A 26 -3.32 -4.65 0.01
N GLN A 27 -3.10 -4.13 1.20
CA GLN A 27 -3.99 -3.04 1.71
C GLN A 27 -3.24 -1.71 1.73
N CYS A 28 -3.83 -0.69 2.26
CA CYS A 28 -3.15 0.64 2.31
C CYS A 28 -3.43 1.34 3.64
N ARG A 29 -2.55 2.19 4.08
CA ARG A 29 -2.78 2.90 5.37
C ARG A 29 -2.23 4.33 5.29
N ARG A 30 -2.97 5.28 5.81
CA ARG A 30 -2.50 6.69 5.77
C ARG A 30 -1.80 7.06 7.08
N THR A 31 -1.74 8.32 7.41
CA THR A 31 -1.08 8.74 8.67
C THR A 31 -2.11 9.33 9.65
N SER A 32 -1.81 9.31 10.92
CA SER A 32 -2.78 9.85 11.92
C SER A 32 -2.58 11.37 12.07
N GLY A 33 -3.06 12.13 11.13
CA GLY A 33 -2.89 13.61 11.22
C GLY A 33 -1.61 14.03 10.52
N ALA A 1 -0.08 -12.69 -7.42
CA ALA A 1 0.94 -12.41 -6.37
C ALA A 1 1.11 -10.90 -6.18
N CYS A 2 0.96 -10.42 -4.97
CA CYS A 2 1.11 -8.96 -4.73
C CYS A 2 2.52 -8.65 -4.18
N ASN A 3 3.13 -7.61 -4.67
CA ASN A 3 4.50 -7.26 -4.18
C ASN A 3 4.45 -5.96 -3.37
N ASP A 4 5.09 -5.93 -2.23
CA ASP A 4 5.08 -4.69 -1.40
C ASP A 4 5.49 -3.48 -2.25
N ARG A 5 6.38 -3.69 -3.18
CA ARG A 5 6.82 -2.56 -4.04
C ARG A 5 5.66 -2.08 -4.92
N ASP A 6 4.99 -2.98 -5.58
CA ASP A 6 3.84 -2.57 -6.44
C ASP A 6 2.59 -2.35 -5.59
N CYS A 7 2.72 -2.52 -4.30
CA CYS A 7 1.54 -2.31 -3.41
C CYS A 7 1.61 -0.93 -2.75
N SER A 8 2.78 -0.49 -2.40
CA SER A 8 2.93 0.85 -1.75
C SER A 8 3.04 1.93 -2.82
N LEU A 9 3.69 1.64 -3.91
CA LEU A 9 3.84 2.66 -4.99
C LEU A 9 2.46 3.18 -5.41
N ASP A 10 1.57 2.30 -5.80
CA ASP A 10 0.22 2.75 -6.22
C ASP A 10 -0.51 3.42 -5.04
N CYS A 11 -0.21 3.00 -3.85
CA CYS A 11 -0.88 3.61 -2.66
C CYS A 11 -0.29 4.99 -2.38
N ILE A 12 0.99 5.14 -2.53
CA ILE A 12 1.62 6.47 -2.29
C ILE A 12 1.08 7.51 -3.28
N MET A 13 0.77 7.07 -4.48
CA MET A 13 0.24 8.01 -5.50
C MET A 13 -1.28 8.14 -5.35
N LYS A 14 -1.91 7.19 -4.72
CA LYS A 14 -3.38 7.27 -4.54
C LYS A 14 -3.73 8.25 -3.42
N GLY A 15 -2.82 8.50 -2.53
CA GLY A 15 -3.10 9.45 -1.42
C GLY A 15 -2.78 8.77 -0.08
N TYR A 16 -2.24 7.58 -0.11
CA TYR A 16 -1.91 6.88 1.16
C TYR A 16 -0.46 7.13 1.54
N ASN A 17 0.03 6.47 2.56
CA ASN A 17 1.45 6.69 2.97
C ASN A 17 2.10 5.34 3.32
N PHE A 18 1.40 4.26 3.09
CA PHE A 18 1.99 2.93 3.41
C PHE A 18 1.57 1.90 2.36
N GLY A 19 2.18 0.74 2.37
CA GLY A 19 1.81 -0.31 1.38
C GLY A 19 2.16 -1.69 1.93
N LYS A 20 1.18 -2.40 2.44
CA LYS A 20 1.46 -3.75 3.00
C LYS A 20 0.65 -4.81 2.25
N CYS A 21 1.24 -5.93 1.95
CA CYS A 21 0.51 -7.00 1.23
C CYS A 21 -0.24 -7.90 2.21
N VAL A 22 -1.31 -8.52 1.79
CA VAL A 22 -2.08 -9.41 2.71
C VAL A 22 -2.25 -10.79 2.08
N ARG A 23 -1.17 -11.47 1.81
CA ARG A 23 -1.28 -12.82 1.18
C ARG A 23 -1.99 -12.72 -0.17
N GLY A 24 -1.40 -12.04 -1.11
CA GLY A 24 -2.04 -11.90 -2.45
C GLY A 24 -2.90 -10.63 -2.48
N SER A 25 -2.74 -9.78 -1.52
CA SER A 25 -3.54 -8.52 -1.49
C SER A 25 -2.63 -7.31 -1.20
N CYS A 26 -3.20 -6.15 -1.07
CA CYS A 26 -2.37 -4.95 -0.79
C CYS A 26 -3.17 -3.92 0.03
N GLN A 27 -2.76 -3.66 1.24
CA GLN A 27 -3.49 -2.68 2.08
C GLN A 27 -2.61 -1.46 2.37
N CYS A 28 -3.19 -0.36 2.76
CA CYS A 28 -2.37 0.86 3.05
C CYS A 28 -3.04 1.70 4.12
N ARG A 29 -2.46 2.81 4.47
CA ARG A 29 -3.07 3.68 5.52
C ARG A 29 -2.78 5.16 5.21
N ARG A 30 -3.51 6.05 5.81
CA ARG A 30 -3.27 7.50 5.56
C ARG A 30 -2.89 8.22 6.86
N THR A 31 -2.08 9.23 6.78
CA THR A 31 -1.68 9.97 8.02
C THR A 31 -2.61 11.15 8.26
N SER A 32 -2.80 11.54 9.49
CA SER A 32 -3.70 12.69 9.79
C SER A 32 -2.88 13.86 10.34
N GLY A 33 -1.77 13.60 10.96
CA GLY A 33 -0.94 14.70 11.52
C GLY A 33 0.52 14.25 11.61
N ALA A 1 1.89 -13.09 -4.08
CA ALA A 1 2.20 -12.60 -5.45
C ALA A 1 1.71 -11.16 -5.63
N CYS A 2 1.90 -10.33 -4.63
CA CYS A 2 1.44 -8.93 -4.74
C CYS A 2 2.64 -7.99 -4.92
N ASN A 3 3.80 -8.39 -4.47
CA ASN A 3 5.00 -7.52 -4.62
C ASN A 3 4.82 -6.22 -3.85
N ASP A 4 5.73 -5.89 -2.98
CA ASP A 4 5.60 -4.62 -2.20
C ASP A 4 5.93 -3.41 -3.07
N ARG A 5 6.62 -3.63 -4.16
CA ARG A 5 6.99 -2.49 -5.05
C ARG A 5 5.73 -1.90 -5.71
N ASP A 6 4.97 -2.72 -6.39
CA ASP A 6 3.74 -2.21 -7.05
C ASP A 6 2.61 -2.07 -6.05
N CYS A 7 2.82 -2.52 -4.84
CA CYS A 7 1.75 -2.41 -3.80
C CYS A 7 1.89 -1.09 -3.04
N SER A 8 3.09 -0.71 -2.71
CA SER A 8 3.29 0.57 -1.96
C SER A 8 3.21 1.75 -2.93
N LEU A 9 3.81 1.64 -4.08
CA LEU A 9 3.76 2.76 -5.06
C LEU A 9 2.31 3.16 -5.34
N ASP A 10 1.47 2.20 -5.61
CA ASP A 10 0.04 2.52 -5.90
C ASP A 10 -0.64 3.08 -4.65
N CYS A 11 -0.25 2.61 -3.48
CA CYS A 11 -0.88 3.12 -2.23
C CYS A 11 -0.50 4.58 -1.99
N ILE A 12 0.76 4.91 -2.15
CA ILE A 12 1.19 6.32 -1.93
C ILE A 12 0.61 7.23 -3.02
N MET A 13 0.46 6.73 -4.21
CA MET A 13 -0.10 7.57 -5.31
C MET A 13 -1.57 7.91 -5.02
N LYS A 14 -2.30 6.99 -4.48
CA LYS A 14 -3.75 7.26 -4.19
C LYS A 14 -3.87 8.39 -3.16
N GLY A 15 -2.89 8.56 -2.32
CA GLY A 15 -2.96 9.65 -1.31
C GLY A 15 -2.56 9.11 0.07
N TYR A 16 -2.28 7.84 0.16
CA TYR A 16 -1.90 7.25 1.47
C TYR A 16 -0.40 7.46 1.72
N ASN A 17 0.09 7.00 2.84
CA ASN A 17 1.54 7.17 3.14
C ASN A 17 2.27 5.84 2.93
N PHE A 18 1.73 4.77 3.43
CA PHE A 18 2.37 3.44 3.26
C PHE A 18 1.33 2.33 3.34
N GLY A 19 1.45 1.33 2.51
CA GLY A 19 0.46 0.21 2.54
C GLY A 19 1.17 -1.10 2.85
N LYS A 20 0.64 -2.20 2.38
CA LYS A 20 1.29 -3.52 2.65
C LYS A 20 0.50 -4.63 1.97
N CYS A 21 1.07 -5.81 1.88
CA CYS A 21 0.35 -6.94 1.23
C CYS A 21 -0.55 -7.65 2.25
N VAL A 22 -1.71 -8.08 1.82
CA VAL A 22 -2.64 -8.77 2.76
C VAL A 22 -3.11 -10.10 2.14
N ARG A 23 -2.38 -11.16 2.34
CA ARG A 23 -2.79 -12.46 1.76
C ARG A 23 -3.01 -12.33 0.25
N GLY A 24 -1.95 -12.24 -0.51
CA GLY A 24 -2.10 -12.11 -1.98
C GLY A 24 -2.90 -10.84 -2.30
N SER A 25 -2.83 -9.86 -1.46
CA SER A 25 -3.58 -8.59 -1.71
C SER A 25 -2.72 -7.38 -1.40
N CYS A 26 -3.22 -6.20 -1.65
CA CYS A 26 -2.41 -4.97 -1.36
C CYS A 26 -3.29 -3.91 -0.70
N GLN A 27 -2.92 -3.47 0.47
CA GLN A 27 -3.73 -2.42 1.17
C GLN A 27 -2.88 -1.18 1.41
N CYS A 28 -3.51 -0.07 1.67
CA CYS A 28 -2.73 1.19 1.92
C CYS A 28 -3.07 1.73 3.32
N ARG A 29 -2.07 2.20 4.02
CA ARG A 29 -2.34 2.74 5.39
C ARG A 29 -1.92 4.21 5.47
N ARG A 30 -2.66 5.01 6.19
CA ARG A 30 -2.31 6.45 6.30
C ARG A 30 -1.70 6.74 7.68
N THR A 31 -1.05 7.86 7.83
CA THR A 31 -0.44 8.19 9.15
C THR A 31 -1.48 8.84 10.06
N SER A 32 -1.05 9.49 11.11
CA SER A 32 -2.01 10.13 12.04
C SER A 32 -2.14 11.62 11.74
N GLY A 33 -2.95 11.98 10.78
CA GLY A 33 -3.11 13.42 10.43
C GLY A 33 -2.33 13.72 9.15
N ALA A 1 2.25 -12.68 -7.50
CA ALA A 1 1.39 -12.16 -6.40
C ALA A 1 1.67 -10.67 -6.19
N CYS A 2 1.21 -10.13 -5.08
CA CYS A 2 1.44 -8.68 -4.82
C CYS A 2 2.83 -8.47 -4.21
N ASN A 3 3.49 -7.38 -4.52
CA ASN A 3 4.83 -7.13 -3.96
C ASN A 3 4.82 -5.89 -3.07
N ASP A 4 5.75 -5.79 -2.15
CA ASP A 4 5.77 -4.59 -1.26
C ASP A 4 6.01 -3.33 -2.10
N ARG A 5 6.79 -3.44 -3.14
CA ARG A 5 7.06 -2.25 -4.00
C ARG A 5 5.86 -2.01 -4.94
N ASP A 6 5.28 -3.06 -5.44
CA ASP A 6 4.11 -2.91 -6.35
C ASP A 6 2.84 -2.63 -5.55
N CYS A 7 2.89 -2.81 -4.26
CA CYS A 7 1.69 -2.56 -3.42
C CYS A 7 1.75 -1.16 -2.82
N SER A 8 2.93 -0.70 -2.47
CA SER A 8 3.06 0.65 -1.88
C SER A 8 2.97 1.72 -2.98
N LEU A 9 3.51 1.45 -4.13
CA LEU A 9 3.45 2.45 -5.23
C LEU A 9 2.01 2.91 -5.46
N ASP A 10 1.08 1.98 -5.49
CA ASP A 10 -0.34 2.36 -5.72
C ASP A 10 -0.90 3.04 -4.46
N CYS A 11 -0.44 2.67 -3.31
CA CYS A 11 -0.94 3.29 -2.06
C CYS A 11 -0.52 4.76 -1.99
N ILE A 12 0.66 5.08 -2.43
CA ILE A 12 1.13 6.49 -2.40
C ILE A 12 0.38 7.31 -3.46
N MET A 13 0.25 6.80 -4.65
CA MET A 13 -0.47 7.55 -5.71
C MET A 13 -1.93 7.74 -5.33
N LYS A 14 -2.48 6.83 -4.56
CA LYS A 14 -3.91 6.95 -4.14
C LYS A 14 -4.07 8.13 -3.18
N GLY A 15 -3.00 8.56 -2.57
CA GLY A 15 -3.09 9.71 -1.62
C GLY A 15 -2.64 9.26 -0.23
N TYR A 16 -2.36 7.99 -0.06
CA TYR A 16 -1.92 7.50 1.28
C TYR A 16 -0.41 7.66 1.42
N ASN A 17 0.20 6.87 2.26
CA ASN A 17 1.68 6.97 2.44
C ASN A 17 2.32 5.60 2.31
N PHE A 18 2.03 4.69 3.21
CA PHE A 18 2.62 3.34 3.14
C PHE A 18 1.53 2.27 3.25
N GLY A 19 1.64 1.22 2.47
CA GLY A 19 0.60 0.15 2.52
C GLY A 19 1.26 -1.19 2.88
N LYS A 20 0.59 -2.28 2.64
CA LYS A 20 1.18 -3.61 2.97
C LYS A 20 0.44 -4.71 2.22
N CYS A 21 1.10 -5.80 1.93
CA CYS A 21 0.42 -6.91 1.20
C CYS A 21 -0.29 -7.83 2.19
N VAL A 22 -1.45 -8.31 1.84
CA VAL A 22 -2.20 -9.21 2.77
C VAL A 22 -2.79 -10.39 1.99
N ARG A 23 -2.11 -11.51 1.97
CA ARG A 23 -2.64 -12.69 1.24
C ARG A 23 -2.98 -12.30 -0.21
N GLY A 24 -2.01 -12.33 -1.09
CA GLY A 24 -2.28 -11.95 -2.50
C GLY A 24 -3.13 -10.68 -2.54
N SER A 25 -2.93 -9.80 -1.59
CA SER A 25 -3.73 -8.54 -1.56
C SER A 25 -2.84 -7.35 -1.20
N CYS A 26 -3.30 -6.16 -1.42
CA CYS A 26 -2.47 -4.96 -1.10
C CYS A 26 -3.32 -3.91 -0.37
N GLN A 27 -2.86 -3.45 0.76
CA GLN A 27 -3.63 -2.43 1.52
C GLN A 27 -2.79 -1.15 1.65
N CYS A 28 -3.43 -0.03 1.91
CA CYS A 28 -2.68 1.24 2.05
C CYS A 28 -2.91 1.84 3.44
N ARG A 29 -1.87 2.31 4.08
CA ARG A 29 -2.03 2.91 5.44
C ARG A 29 -1.48 4.34 5.46
N ARG A 30 -2.18 5.25 6.06
CA ARG A 30 -1.70 6.66 6.13
C ARG A 30 -1.20 6.98 7.53
N THR A 31 -0.69 8.17 7.73
CA THR A 31 -0.18 8.54 9.09
C THR A 31 -1.34 8.94 9.99
N SER A 32 -1.38 8.40 11.19
CA SER A 32 -2.50 8.75 12.12
C SER A 32 -1.94 9.33 13.42
N GLY A 33 -0.71 9.00 13.75
CA GLY A 33 -0.10 9.53 15.00
C GLY A 33 1.17 10.32 14.67
N ALA A 1 2.67 -13.13 -7.36
CA ALA A 1 2.20 -12.75 -6.00
C ALA A 1 1.48 -11.40 -6.05
N CYS A 2 1.56 -10.65 -4.99
CA CYS A 2 0.89 -9.32 -4.97
C CYS A 2 1.90 -8.20 -5.23
N ASN A 3 3.16 -8.52 -5.24
CA ASN A 3 4.19 -7.47 -5.48
C ASN A 3 4.08 -6.37 -4.43
N ASP A 4 4.89 -6.42 -3.40
CA ASP A 4 4.82 -5.37 -2.35
C ASP A 4 5.33 -4.03 -2.90
N ARG A 5 6.34 -4.05 -3.71
CA ARG A 5 6.87 -2.78 -4.28
C ARG A 5 5.81 -2.10 -5.16
N ASP A 6 5.08 -2.88 -5.92
CA ASP A 6 4.04 -2.28 -6.80
C ASP A 6 2.78 -1.97 -5.99
N CYS A 7 2.61 -2.62 -4.87
CA CYS A 7 1.40 -2.35 -4.04
C CYS A 7 1.58 -1.06 -3.25
N SER A 8 2.79 -0.77 -2.83
CA SER A 8 3.03 0.47 -2.05
C SER A 8 3.15 1.67 -3.00
N LEU A 9 3.72 1.46 -4.16
CA LEU A 9 3.87 2.58 -5.12
C LEU A 9 2.49 3.12 -5.53
N ASP A 10 1.61 2.27 -5.95
CA ASP A 10 0.25 2.73 -6.35
C ASP A 10 -0.47 3.34 -5.15
N CYS A 11 -0.16 2.89 -3.97
CA CYS A 11 -0.82 3.44 -2.76
C CYS A 11 -0.29 4.85 -2.46
N ILE A 12 1.00 5.02 -2.49
CA ILE A 12 1.57 6.37 -2.22
C ILE A 12 1.12 7.35 -3.30
N MET A 13 0.75 6.85 -4.44
CA MET A 13 0.30 7.75 -5.55
C MET A 13 -1.14 8.22 -5.29
N LYS A 14 -1.98 7.32 -4.82
CA LYS A 14 -3.40 7.72 -4.55
C LYS A 14 -3.44 8.84 -3.52
N GLY A 15 -2.73 8.68 -2.43
CA GLY A 15 -2.72 9.75 -1.38
C GLY A 15 -2.64 9.10 0.01
N TYR A 16 -1.89 8.04 0.13
CA TYR A 16 -1.76 7.38 1.47
C TYR A 16 -0.35 7.63 2.03
N ASN A 17 0.04 6.88 3.03
CA ASN A 17 1.39 7.07 3.61
C ASN A 17 2.14 5.74 3.69
N PHE A 18 1.55 4.75 4.31
CA PHE A 18 2.23 3.43 4.41
C PHE A 18 1.28 2.30 4.00
N GLY A 19 1.79 1.23 3.47
CA GLY A 19 0.91 0.10 3.06
C GLY A 19 1.70 -1.20 3.04
N LYS A 20 1.08 -2.28 2.64
CA LYS A 20 1.79 -3.58 2.60
C LYS A 20 0.89 -4.65 1.96
N CYS A 21 1.43 -5.81 1.71
CA CYS A 21 0.59 -6.89 1.08
C CYS A 21 -0.06 -7.73 2.17
N VAL A 22 -1.32 -8.06 2.02
CA VAL A 22 -2.01 -8.88 3.05
C VAL A 22 -2.40 -10.24 2.46
N ARG A 23 -1.50 -11.18 2.49
CA ARG A 23 -1.81 -12.54 1.94
C ARG A 23 -2.32 -12.41 0.50
N GLY A 24 -1.44 -12.11 -0.42
CA GLY A 24 -1.86 -11.97 -1.85
C GLY A 24 -2.83 -10.79 -1.99
N SER A 25 -2.63 -9.76 -1.23
CA SER A 25 -3.53 -8.58 -1.32
C SER A 25 -2.72 -7.28 -1.22
N CYS A 26 -3.36 -6.15 -1.37
CA CYS A 26 -2.64 -4.86 -1.28
C CYS A 26 -3.42 -3.86 -0.43
N GLN A 27 -3.08 -3.74 0.83
CA GLN A 27 -3.83 -2.78 1.71
C GLN A 27 -2.91 -1.64 2.14
N CYS A 28 -3.47 -0.49 2.40
CA CYS A 28 -2.63 0.67 2.82
C CYS A 28 -3.39 1.52 3.84
N ARG A 29 -2.72 2.45 4.47
CA ARG A 29 -3.39 3.31 5.48
C ARG A 29 -2.97 4.77 5.30
N ARG A 30 -3.67 5.69 5.93
CA ARG A 30 -3.30 7.13 5.80
C ARG A 30 -2.90 7.70 7.16
N THR A 31 -3.02 8.98 7.33
CA THR A 31 -2.66 9.60 8.65
C THR A 31 -3.90 10.16 9.34
N SER A 32 -4.12 9.78 10.57
CA SER A 32 -5.32 10.28 11.30
C SER A 32 -4.96 11.53 12.11
N GLY A 33 -5.77 12.56 12.02
CA GLY A 33 -5.47 13.81 12.78
C GLY A 33 -6.32 13.84 14.05
#